data_3OT0
# 
_entry.id   3OT0 
# 
_audit_conform.dict_name       mmcif_pdbx.dic 
_audit_conform.dict_version    5.379 
_audit_conform.dict_location   http://mmcif.pdb.org/dictionaries/ascii/mmcif_pdbx.dic 
# 
loop_
_database_2.database_id 
_database_2.database_code 
_database_2.pdbx_database_accession 
_database_2.pdbx_DOI 
PDB   3OT0         pdb_00003ot0 10.2210/pdb3ot0/pdb 
NDB   NA0821       ?            ?                   
RCSB  RCSB061535   ?            ?                   
WWPDB D_1000061535 ?            ?                   
# 
loop_
_pdbx_database_related.db_name 
_pdbx_database_related.db_id 
_pdbx_database_related.details 
_pdbx_database_related.content_type 
PDB 1DPL 
;Same sequence containing a C at position 2 and a 2'-O-methoxymethyl T at position 6
;
unspecified 
PDB 1KGK 
;Same sequence containing a phenoxazine-derived G-clamp modified C at position 2 and a 2'-O-methoxymethyl T at position 6
;
unspecified 
# 
_pdbx_database_status.status_code                     REL 
_pdbx_database_status.entry_id                        3OT0 
_pdbx_database_status.recvd_initial_deposition_date   2010-09-10 
_pdbx_database_status.deposit_site                    RCSB 
_pdbx_database_status.process_site                    RCSB 
_pdbx_database_status.status_code_sf                  REL 
_pdbx_database_status.status_code_mr                  ? 
_pdbx_database_status.SG_entry                        ? 
_pdbx_database_status.status_code_cs                  ? 
_pdbx_database_status.pdb_format_compatible           Y 
_pdbx_database_status.status_code_nmr_data            ? 
_pdbx_database_status.methods_development_category    ? 
# 
_audit_author.name           'Edwards, T.E.' 
_audit_author.pdbx_ordinal   1 
# 
_citation.id                        primary 
_citation.title                     
'Crystal structure of a DNA containing the planar, phenoxazine-derived bi-functional spectroscopic probe C.' 
_citation.journal_abbrev            'Nucleic Acids Res.' 
_citation.journal_volume            10 
_citation.page_first                4419 
_citation.page_last                 4426 
_citation.year                      2011 
_citation.journal_id_ASTM           NARHAD 
_citation.country                   UK 
_citation.journal_id_ISSN           0305-1048 
_citation.journal_id_CSD            0389 
_citation.book_publisher            ? 
_citation.pdbx_database_id_PubMed   21252294 
_citation.pdbx_database_id_DOI      10.1093/nar/gkr015 
# 
loop_
_citation_author.citation_id 
_citation_author.name 
_citation_author.ordinal 
_citation_author.identifier_ORCID 
primary 'Edwards, T.E.'       1 ? 
primary 'Cekan, P.'           2 ? 
primary 'Reginsson, G.W.'     3 ? 
primary 'Shelke, S.A.'        4 ? 
primary 
;Ferre-D'Amare, A.R.
;
5 ? 
primary 'Schiemann, O.'       6 ? 
primary 'Sigurdsson, S.T.'    7 ? 
# 
_cell.entry_id           3OT0 
_cell.length_a           24.710 
_cell.length_b           44.550 
_cell.length_c           45.940 
_cell.angle_alpha        90.00 
_cell.angle_beta         90.00 
_cell.angle_gamma        90.00 
_cell.Z_PDB              8 
_cell.pdbx_unique_axis   ? 
_cell.length_a_esd       ? 
_cell.length_b_esd       ? 
_cell.length_c_esd       ? 
_cell.angle_alpha_esd    ? 
_cell.angle_beta_esd     ? 
_cell.angle_gamma_esd    ? 
# 
_symmetry.entry_id                         3OT0 
_symmetry.space_group_name_H-M             'P 21 21 21' 
_symmetry.pdbx_full_space_group_name_H-M   ? 
_symmetry.cell_setting                     ? 
_symmetry.Int_Tables_number                19 
_symmetry.space_group_name_Hall            ? 
# 
loop_
_entity.id 
_entity.type 
_entity.src_method 
_entity.pdbx_description 
_entity.formula_weight 
_entity.pdbx_number_of_molecules 
_entity.pdbx_ec 
_entity.pdbx_mutation 
_entity.pdbx_fragment 
_entity.details 
1 polymer syn 'Spin-labeled DNA' 3263.234 2  ? ? ? ? 
2 water   nat water              18.015   83 ? ? ? ? 
# 
_entity_poly.entity_id                      1 
_entity_poly.type                           'polydeoxyribonucleotide/polyribonucleotide hybrid' 
_entity_poly.nstd_linkage                   no 
_entity_poly.nstd_monomer                   yes 
_entity_poly.pdbx_seq_one_letter_code       '(DG)(EXC)(DG)(DT)(DA)(OMU)(DA)(DC)(DG)(DC)' 
_entity_poly.pdbx_seq_one_letter_code_can   GXGTAUACGC 
_entity_poly.pdbx_strand_id                 A,B 
_entity_poly.pdbx_target_identifier         ? 
# 
loop_
_entity_poly_seq.entity_id 
_entity_poly_seq.num 
_entity_poly_seq.mon_id 
_entity_poly_seq.hetero 
1 1  DG  n 
1 2  EXC n 
1 3  DG  n 
1 4  DT  n 
1 5  DA  n 
1 6  OMU n 
1 7  DA  n 
1 8  DC  n 
1 9  DG  n 
1 10 DC  n 
# 
_pdbx_entity_src_syn.entity_id              1 
_pdbx_entity_src_syn.pdbx_src_id            1 
_pdbx_entity_src_syn.pdbx_alt_source_flag   sample 
_pdbx_entity_src_syn.pdbx_beg_seq_num       ? 
_pdbx_entity_src_syn.pdbx_end_seq_num       ? 
_pdbx_entity_src_syn.organism_scientific    ? 
_pdbx_entity_src_syn.organism_common_name   ? 
_pdbx_entity_src_syn.ncbi_taxonomy_id       ? 
_pdbx_entity_src_syn.details                'Chemical synthesis' 
# 
_struct_ref.id                         1 
_struct_ref.db_name                    PDB 
_struct_ref.db_code                    3OT0 
_struct_ref.pdbx_db_accession          3OT0 
_struct_ref.entity_id                  1 
_struct_ref.pdbx_align_begin           ? 
_struct_ref.pdbx_seq_one_letter_code   GXGTAUACGC 
_struct_ref.pdbx_db_isoform            ? 
# 
loop_
_struct_ref_seq.align_id 
_struct_ref_seq.ref_id 
_struct_ref_seq.pdbx_PDB_id_code 
_struct_ref_seq.pdbx_strand_id 
_struct_ref_seq.seq_align_beg 
_struct_ref_seq.pdbx_seq_align_beg_ins_code 
_struct_ref_seq.seq_align_end 
_struct_ref_seq.pdbx_seq_align_end_ins_code 
_struct_ref_seq.pdbx_db_accession 
_struct_ref_seq.db_align_beg 
_struct_ref_seq.pdbx_db_align_beg_ins_code 
_struct_ref_seq.db_align_end 
_struct_ref_seq.pdbx_db_align_end_ins_code 
_struct_ref_seq.pdbx_auth_seq_align_beg 
_struct_ref_seq.pdbx_auth_seq_align_end 
1 1 3OT0 A 1 ? 10 ? 3OT0 1 ? 10 ? 1 10 
2 1 3OT0 B 1 ? 10 ? 3OT0 1 ? 10 ? 1 10 
# 
loop_
_chem_comp.id 
_chem_comp.type 
_chem_comp.mon_nstd_flag 
_chem_comp.name 
_chem_comp.pdbx_synonyms 
_chem_comp.formula 
_chem_comp.formula_weight 
DA  'DNA linking' y "2'-DEOXYADENOSINE-5'-MONOPHOSPHATE" ?                                          'C10 H14 N5 O6 P' 331.222 
DC  'DNA linking' y "2'-DEOXYCYTIDINE-5'-MONOPHOSPHATE" ?                                          'C9 H14 N3 O7 P'  307.197 
DG  'DNA linking' y "2'-DEOXYGUANOSINE-5'-MONOPHOSPHATE" ?                                          'C10 H14 N5 O7 P' 347.221 
DT  'DNA linking' y "THYMIDINE-5'-MONOPHOSPHATE" ?                                          'C10 H15 N2 O8 P' 322.208 
EXC 'DNA linking' n 
;3-(2-deoxy-5-O-phosphono-beta-D-erythro-pentofuranosyl)-8-hydroxy-7,7,9,9-tetramethyl-7,8,9,11-tetrahydropyrimido[4',5' :5,6][1,4]oxazino[2,3-f]isoindol-2(3H)-one radical
;
'nitroxide spin-labeled nucleotide C-spin' 'C21 H26 N4 O9 P' 509.426 
HOH non-polymer   . WATER ?                                          'H2 O'            18.015  
OMU 'RNA linking' n 
;O2'-METHYLURIDINE 5'-MONOPHOSPHATE
;
?                                          'C10 H15 N2 O9 P' 338.208 
# 
_exptl.entry_id          3OT0 
_exptl.method            'X-RAY DIFFRACTION' 
_exptl.crystals_number   1 
# 
_exptl_crystal.id                    1 
_exptl_crystal.density_meas          ? 
_exptl_crystal.density_Matthews      1.94 
_exptl_crystal.density_percent_sol   36.51 
_exptl_crystal.description           ? 
_exptl_crystal.F_000                 ? 
_exptl_crystal.preparation           ? 
# 
_exptl_crystal_grow.crystal_id      1 
_exptl_crystal_grow.method          'VAPOR DIFFUSION, SITTING DROP' 
_exptl_crystal_grow.temp            289 
_exptl_crystal_grow.temp_details    ? 
_exptl_crystal_grow.pH              6.0 
_exptl_crystal_grow.pdbx_details    
;1.2 mM DNA in 10% 2-methane-2,4-pentanediol (MPD), 40 mM sodium cacodylate pH 6.0, 12 mM spermine-HCl, 80 mM NaCl, 12 mM KCl, 12 mM MgCl2 against a reserviore of 35% MPD, VAPOR DIFFUSION, SITTING DROP, temperature 289K
;
_exptl_crystal_grow.pdbx_pH_range   ? 
# 
_diffrn.id                     1 
_diffrn.ambient_temp           100 
_diffrn.ambient_temp_details   ? 
_diffrn.crystal_id             1 
# 
_diffrn_detector.diffrn_id              1 
_diffrn_detector.detector               CCD 
_diffrn_detector.type                   'RIGAKU SATURN 944+' 
_diffrn_detector.pdbx_collection_date   2010-04-17 
_diffrn_detector.details                VariMax 
# 
_diffrn_radiation.diffrn_id                        1 
_diffrn_radiation.wavelength_id                    1 
_diffrn_radiation.pdbx_monochromatic_or_laue_m_l   M 
_diffrn_radiation.monochromator                    ? 
_diffrn_radiation.pdbx_diffrn_protocol             'SINGLE WAVELENGTH' 
_diffrn_radiation.pdbx_scattering_type             x-ray 
# 
_diffrn_radiation_wavelength.id           1 
_diffrn_radiation_wavelength.wavelength   1.5418 
_diffrn_radiation_wavelength.wt           1.0 
# 
_diffrn_source.diffrn_id                   1 
_diffrn_source.source                      'ROTATING ANODE' 
_diffrn_source.type                        'RIGAKU FR-E+ SUPERBRIGHT' 
_diffrn_source.pdbx_synchrotron_site       ? 
_diffrn_source.pdbx_synchrotron_beamline   ? 
_diffrn_source.pdbx_wavelength             ? 
_diffrn_source.pdbx_wavelength_list        1.5418 
# 
_reflns.entry_id                     3OT0 
_reflns.observed_criterion_sigma_I   ? 
_reflns.observed_criterion_sigma_F   ? 
_reflns.d_resolution_low             50 
_reflns.d_resolution_high            1.7 
_reflns.number_obs                   5613 
_reflns.number_all                   5955 
_reflns.percent_possible_obs         94.3 
_reflns.pdbx_Rmerge_I_obs            0.022 
_reflns.pdbx_Rsym_value              ? 
_reflns.pdbx_netI_over_sigmaI        53.95 
_reflns.B_iso_Wilson_estimate        ? 
_reflns.pdbx_redundancy              8.4 
_reflns.R_free_details               ? 
_reflns.limit_h_max                  ? 
_reflns.limit_h_min                  ? 
_reflns.limit_k_max                  ? 
_reflns.limit_k_min                  ? 
_reflns.limit_l_max                  ? 
_reflns.limit_l_min                  ? 
_reflns.observed_criterion_F_max     ? 
_reflns.observed_criterion_F_min     ? 
_reflns.pdbx_chi_squared             ? 
_reflns.pdbx_scaling_rejects         ? 
_reflns.pdbx_ordinal                 1 
_reflns.pdbx_diffrn_id               1 
# 
loop_
_reflns_shell.d_res_high 
_reflns_shell.d_res_low 
_reflns_shell.percent_possible_all 
_reflns_shell.Rmerge_I_obs 
_reflns_shell.pdbx_Rsym_value 
_reflns_shell.meanI_over_sigI_obs 
_reflns_shell.pdbx_redundancy 
_reflns_shell.percent_possible_obs 
_reflns_shell.number_unique_all 
_reflns_shell.number_measured_all 
_reflns_shell.number_measured_obs 
_reflns_shell.number_unique_obs 
_reflns_shell.pdbx_chi_squared 
_reflns_shell.pdbx_ordinal 
_reflns_shell.pdbx_diffrn_id 
1.70 1.74 82.9  0.070 ? 20.03  6.4 ? 427 ? ? ? ? 1  1 
1.74 1.79 83.9  0.066 ? 22.09  ?   ? 415 ? ? ? ? 2  1 
1.79 1.84 86.8  0.062 ? 24.02  ?   ? 408 ? ? ? ? 3  1 
1.84 1.90 89.4  0.059 ? 24.38  ?   ? 397 ? ? ? ? 4  1 
1.90 1.96 92.7  0.051 ? 29.14  ?   ? 383 ? ? ? ? 5  1 
1.96 2.03 93.6  0.044 ? 34.12  ?   ? 374 ? ? ? ? 6  1 
2.03 2.11 95.6  0.041 ? 36.44  ?   ? 363 ? ? ? ? 7  1 
2.11 2.19 96.9  0.042 ? 37.82  ?   ? 351 ? ? ? ? 8  1 
2.19 2.29 98.2  0.034 ? 46.96  ?   ? 332 ? ? ? ? 9  1 
2.29 2.40 98.1  0.030 ? 52.62  ?   ? 315 ? ? ? ? 10 1 
2.40 2.53 99.0  0.031 ? 58.44  ?   ? 311 ? ? ? ? 11 1 
2.53 2.69 98.3  0.030 ? 64.15  ?   ? 294 ? ? ? ? 12 1 
2.69 2.87 98.6  0.026 ? 71.03  ?   ? 277 ? ? ? ? 13 1 
2.87 3.10 99.6  0.021 ? 83.74  ?   ? 263 ? ? ? ? 14 1 
3.10 3.40 98.7  0.018 ? 102.89 ?   ? 238 ? ? ? ? 15 1 
3.40 3.80 100.0 0.018 ? 111.58 ?   ? 214 ? ? ? ? 16 1 
3.80 4.39 100.0 0.017 ? 115.45 ?   ? 198 ? ? ? ? 17 1 
4.39 5.38 100.0 0.019 ? 111.51 ?   ? 170 ? ? ? ? 18 1 
5.38 7.60 100.0 0.020 ? 108.16 ?   ? 139 ? ? ? ? 19 1 
7.60 50   100.0 0.020 ? 100.41 ?   ? 86  ? ? ? ? 20 1 
# 
_refine.entry_id                                 3OT0 
_refine.ls_number_reflns_obs                     5586 
_refine.ls_number_reflns_all                     ? 
_refine.pdbx_ls_sigma_I                          ? 
_refine.pdbx_ls_sigma_F                          1.37 
_refine.pdbx_data_cutoff_high_absF               ? 
_refine.pdbx_data_cutoff_low_absF                ? 
_refine.pdbx_data_cutoff_high_rms_absF           ? 
_refine.ls_d_res_low                             16.824 
_refine.ls_d_res_high                            1.7004 
_refine.ls_percent_reflns_obs                    93.99 
_refine.ls_R_factor_obs                          0.1632 
_refine.ls_R_factor_all                          ? 
_refine.ls_R_factor_R_work                       0.1594 
_refine.ls_R_factor_R_free                       0.1975 
_refine.ls_R_factor_R_free_error                 ? 
_refine.ls_R_factor_R_free_error_details         ? 
_refine.ls_percent_reflns_R_free                 9.54 
_refine.ls_number_reflns_R_free                  533 
_refine.ls_number_parameters                     ? 
_refine.ls_number_restraints                     ? 
_refine.occupancy_min                            ? 
_refine.occupancy_max                            ? 
_refine.correlation_coeff_Fo_to_Fc               ? 
_refine.correlation_coeff_Fo_to_Fc_free          ? 
_refine.B_iso_mean                               ? 
_refine.aniso_B[1][1]                            -0.0439 
_refine.aniso_B[2][2]                            -0.3863 
_refine.aniso_B[3][3]                            0.4302 
_refine.aniso_B[1][2]                            -0.0000 
_refine.aniso_B[1][3]                            0.0000 
_refine.aniso_B[2][3]                            -0.0000 
_refine.solvent_model_details                    'FLAT BULK SOLVENT MODEL' 
_refine.solvent_model_param_ksol                 0.406 
_refine.solvent_model_param_bsol                 45.023 
_refine.pdbx_solvent_vdw_probe_radii             1.11 
_refine.pdbx_solvent_ion_probe_radii             ? 
_refine.pdbx_solvent_shrinkage_radii             0.90 
_refine.pdbx_ls_cross_valid_method               ? 
_refine.details                                  ? 
_refine.pdbx_starting_model                      'PDB ENTRY 1KGK' 
_refine.pdbx_method_to_determine_struct          'MOLECULAR REPLACEMENT' 
_refine.pdbx_isotropic_thermal_model             ? 
_refine.pdbx_stereochemistry_target_values       ML 
_refine.pdbx_stereochem_target_val_spec_case     ? 
_refine.pdbx_R_Free_selection_details            ? 
_refine.pdbx_overall_ESU_R_Free                  ? 
_refine.overall_SU_ML                            0.17 
_refine.overall_SU_B                             ? 
_refine.overall_SU_R_Cruickshank_DPI             ? 
_refine.ls_redundancy_reflns_obs                 ? 
_refine.B_iso_min                                ? 
_refine.B_iso_max                                ? 
_refine.overall_SU_R_free                        ? 
_refine.ls_wR_factor_R_free                      ? 
_refine.ls_wR_factor_R_work                      ? 
_refine.overall_FOM_free_R_set                   ? 
_refine.overall_FOM_work_R_set                   ? 
_refine.pdbx_overall_phase_error                 19.50 
_refine.pdbx_refine_id                           'X-RAY DIFFRACTION' 
_refine.pdbx_overall_ESU_R                       ? 
_refine.pdbx_diffrn_id                           1 
_refine.pdbx_TLS_residual_ADP_flag               ? 
_refine.pdbx_overall_SU_R_free_Cruickshank_DPI   ? 
_refine.pdbx_overall_SU_R_Blow_DPI               ? 
_refine.pdbx_overall_SU_R_free_Blow_DPI          ? 
# 
_refine_hist.pdbx_refine_id                   'X-RAY DIFFRACTION' 
_refine_hist.cycle_id                         LAST 
_refine_hist.pdbx_number_atoms_protein        0 
_refine_hist.pdbx_number_atoms_nucleic_acid   436 
_refine_hist.pdbx_number_atoms_ligand         0 
_refine_hist.number_atoms_solvent             83 
_refine_hist.number_atoms_total               519 
_refine_hist.d_res_high                       1.7004 
_refine_hist.d_res_low                        16.824 
# 
loop_
_refine_ls_restr.type 
_refine_ls_restr.dev_ideal 
_refine_ls_restr.dev_ideal_target 
_refine_ls_restr.weight 
_refine_ls_restr.number 
_refine_ls_restr.pdbx_refine_id 
_refine_ls_restr.pdbx_restraint_function 
f_bond_d           0.007  ? ? 490 'X-RAY DIFFRACTION' ? 
f_angle_d          1.738  ? ? 762 'X-RAY DIFFRACTION' ? 
f_dihedral_angle_d 25.722 ? ? 208 'X-RAY DIFFRACTION' ? 
f_chiral_restr     0.067  ? ? 80  'X-RAY DIFFRACTION' ? 
f_plane_restr      0.007  ? ? 22  'X-RAY DIFFRACTION' ? 
# 
loop_
_refine_ls_shell.pdbx_total_number_of_bins_used 
_refine_ls_shell.d_res_high 
_refine_ls_shell.d_res_low 
_refine_ls_shell.number_reflns_R_work 
_refine_ls_shell.R_factor_R_work 
_refine_ls_shell.percent_reflns_obs 
_refine_ls_shell.R_factor_R_free 
_refine_ls_shell.R_factor_R_free_error 
_refine_ls_shell.percent_reflns_R_free 
_refine_ls_shell.number_reflns_R_free 
_refine_ls_shell.number_reflns_all 
_refine_ls_shell.R_factor_all 
_refine_ls_shell.number_reflns_obs 
_refine_ls_shell.redundancy_reflns_obs 
_refine_ls_shell.pdbx_refine_id 
. 1.7004 1.8713  1105 0.1380 85.00 0.2182 . . 116 . . . . 'X-RAY DIFFRACTION' 
. 1.8713 2.1416  1253 0.1584 94.00 0.2342 . . 117 . . . . 'X-RAY DIFFRACTION' 
. 2.1416 2.6964  1290 0.1770 98.00 0.2186 . . 152 . . . . 'X-RAY DIFFRACTION' 
. 2.6964 16.8246 1405 0.1557 99.00 0.1728 . . 148 . . . . 'X-RAY DIFFRACTION' 
# 
_struct.entry_id                  3OT0 
_struct.title                     'Crystal structure of a DNA containing the rigid nitroxide spin-labeled nucleotide C-spin' 
_struct.pdbx_model_details        ? 
_struct.pdbx_CASP_flag            ? 
_struct.pdbx_model_type_details   ? 
# 
_struct_keywords.entry_id        3OT0 
_struct_keywords.pdbx_keywords   DNA 
_struct_keywords.text            
;nitroxide, spin-label, EPR spectroscopy, fluorescence spectroscopy, modified nucleic acid, C-spin, deoxycytosine analog, phenoxazine, spectroscopic probe, PELDOR, 2'-O-methyl U, DNA
;
# 
loop_
_struct_asym.id 
_struct_asym.pdbx_blank_PDB_chainid_flag 
_struct_asym.pdbx_modified 
_struct_asym.entity_id 
_struct_asym.details 
A N N 1 ? 
B N N 1 ? 
C N N 2 ? 
D N N 2 ? 
# 
loop_
_struct_conn.id 
_struct_conn.conn_type_id 
_struct_conn.pdbx_leaving_atom_flag 
_struct_conn.pdbx_PDB_id 
_struct_conn.ptnr1_label_asym_id 
_struct_conn.ptnr1_label_comp_id 
_struct_conn.ptnr1_label_seq_id 
_struct_conn.ptnr1_label_atom_id 
_struct_conn.pdbx_ptnr1_label_alt_id 
_struct_conn.pdbx_ptnr1_PDB_ins_code 
_struct_conn.pdbx_ptnr1_standard_comp_id 
_struct_conn.ptnr1_symmetry 
_struct_conn.ptnr2_label_asym_id 
_struct_conn.ptnr2_label_comp_id 
_struct_conn.ptnr2_label_seq_id 
_struct_conn.ptnr2_label_atom_id 
_struct_conn.pdbx_ptnr2_label_alt_id 
_struct_conn.pdbx_ptnr2_PDB_ins_code 
_struct_conn.ptnr1_auth_asym_id 
_struct_conn.ptnr1_auth_comp_id 
_struct_conn.ptnr1_auth_seq_id 
_struct_conn.ptnr2_auth_asym_id 
_struct_conn.ptnr2_auth_comp_id 
_struct_conn.ptnr2_auth_seq_id 
_struct_conn.ptnr2_symmetry 
_struct_conn.pdbx_ptnr3_label_atom_id 
_struct_conn.pdbx_ptnr3_label_seq_id 
_struct_conn.pdbx_ptnr3_label_comp_id 
_struct_conn.pdbx_ptnr3_label_asym_id 
_struct_conn.pdbx_ptnr3_label_alt_id 
_struct_conn.pdbx_ptnr3_PDB_ins_code 
_struct_conn.details 
_struct_conn.pdbx_dist_value 
_struct_conn.pdbx_value_order 
_struct_conn.pdbx_role 
covale1  covale both ? A DG  1  "O3'" ? ? ? 1_555 A EXC 2  P  ? ? A DG  1  A EXC 2  1_555 ? ? ? ? ? ? ?            1.606 ? ? 
covale2  covale both ? A DA  5  "O3'" ? ? ? 1_555 A OMU 6  P  ? ? A DA  5  A OMU 6  1_555 ? ? ? ? ? ? ?            1.604 ? ? 
covale3  covale both ? A OMU 6  "O3'" ? ? ? 1_555 A DA  7  P  ? ? A OMU 6  A DA  7  1_555 ? ? ? ? ? ? ?            1.603 ? ? 
covale4  covale both ? B DG  1  "O3'" ? ? ? 1_555 B EXC 2  P  ? ? B DG  1  B EXC 2  1_555 ? ? ? ? ? ? ?            1.600 ? ? 
covale5  covale both ? B DA  5  "O3'" ? ? ? 1_555 B OMU 6  P  ? ? B DA  5  B OMU 6  1_555 ? ? ? ? ? ? ?            1.604 ? ? 
covale6  covale both ? B OMU 6  "O3'" ? ? ? 1_555 B DA  7  P  ? ? B OMU 6  B DA  7  1_555 ? ? ? ? ? ? ?            1.608 ? ? 
hydrog1  hydrog ?    ? A DG  1  N1    ? ? ? 1_555 B DC  10 N3 ? ? A DG  1  B DC  10 1_555 ? ? ? ? ? ? WATSON-CRICK ?     ? ? 
hydrog2  hydrog ?    ? A DG  1  N2    ? ? ? 1_555 B DC  10 O2 ? ? A DG  1  B DC  10 1_555 ? ? ? ? ? ? WATSON-CRICK ?     ? ? 
hydrog3  hydrog ?    ? A DG  1  O6    ? ? ? 1_555 B DC  10 N4 ? ? A DG  1  B DC  10 1_555 ? ? ? ? ? ? WATSON-CRICK ?     ? ? 
hydrog4  hydrog ?    ? A DG  3  N1    ? ? ? 1_555 B DC  8  N3 ? ? A DG  3  B DC  8  1_555 ? ? ? ? ? ? WATSON-CRICK ?     ? ? 
hydrog5  hydrog ?    ? A DG  3  N2    ? ? ? 1_555 B DC  8  O2 ? ? A DG  3  B DC  8  1_555 ? ? ? ? ? ? WATSON-CRICK ?     ? ? 
hydrog6  hydrog ?    ? A DG  3  O6    ? ? ? 1_555 B DC  8  N4 ? ? A DG  3  B DC  8  1_555 ? ? ? ? ? ? WATSON-CRICK ?     ? ? 
hydrog7  hydrog ?    ? A DT  4  N3    ? ? ? 1_555 B DA  7  N1 ? ? A DT  4  B DA  7  1_555 ? ? ? ? ? ? WATSON-CRICK ?     ? ? 
hydrog8  hydrog ?    ? A DT  4  O4    ? ? ? 1_555 B DA  7  N6 ? ? A DT  4  B DA  7  1_555 ? ? ? ? ? ? WATSON-CRICK ?     ? ? 
hydrog9  hydrog ?    ? A DA  5  N1    ? ? ? 1_555 B OMU 6  N3 ? ? A DA  5  B OMU 6  1_555 ? ? ? ? ? ? WATSON-CRICK ?     ? ? 
hydrog10 hydrog ?    ? A DA  5  N6    ? ? ? 1_555 B OMU 6  O4 ? ? A DA  5  B OMU 6  1_555 ? ? ? ? ? ? WATSON-CRICK ?     ? ? 
hydrog11 hydrog ?    ? A OMU 6  N3    ? ? ? 1_555 B DA  5  N1 ? ? A OMU 6  B DA  5  1_555 ? ? ? ? ? ? WATSON-CRICK ?     ? ? 
hydrog12 hydrog ?    ? A OMU 6  O4    ? ? ? 1_555 B DA  5  N6 ? ? A OMU 6  B DA  5  1_555 ? ? ? ? ? ? WATSON-CRICK ?     ? ? 
hydrog13 hydrog ?    ? A DA  7  N1    ? ? ? 1_555 B DT  4  N3 ? ? A DA  7  B DT  4  1_555 ? ? ? ? ? ? WATSON-CRICK ?     ? ? 
hydrog14 hydrog ?    ? A DA  7  N6    ? ? ? 1_555 B DT  4  O4 ? ? A DA  7  B DT  4  1_555 ? ? ? ? ? ? WATSON-CRICK ?     ? ? 
hydrog15 hydrog ?    ? A DC  8  N3    ? ? ? 1_555 B DG  3  N1 ? ? A DC  8  B DG  3  1_555 ? ? ? ? ? ? WATSON-CRICK ?     ? ? 
hydrog16 hydrog ?    ? A DC  8  N4    ? ? ? 1_555 B DG  3  O6 ? ? A DC  8  B DG  3  1_555 ? ? ? ? ? ? WATSON-CRICK ?     ? ? 
hydrog17 hydrog ?    ? A DC  8  O2    ? ? ? 1_555 B DG  3  N2 ? ? A DC  8  B DG  3  1_555 ? ? ? ? ? ? WATSON-CRICK ?     ? ? 
hydrog18 hydrog ?    ? A DC  10 N3    ? ? ? 1_555 B DG  1  N1 ? ? A DC  10 B DG  1  1_555 ? ? ? ? ? ? WATSON-CRICK ?     ? ? 
hydrog19 hydrog ?    ? A DC  10 N4    ? ? ? 1_555 B DG  1  O6 ? ? A DC  10 B DG  1  1_555 ? ? ? ? ? ? WATSON-CRICK ?     ? ? 
hydrog20 hydrog ?    ? A DC  10 O2    ? ? ? 1_555 B DG  1  N2 ? ? A DC  10 B DG  1  1_555 ? ? ? ? ? ? WATSON-CRICK ?     ? ? 
# 
loop_
_struct_conn_type.id 
_struct_conn_type.criteria 
_struct_conn_type.reference 
covale ? ? 
hydrog ? ? 
# 
_atom_sites.entry_id                    3OT0 
_atom_sites.fract_transf_matrix[1][1]   -0.01767361 
_atom_sites.fract_transf_matrix[1][2]   -0.02928826 
_atom_sites.fract_transf_matrix[1][3]   -0.02162363 
_atom_sites.fract_transf_matrix[2][1]   0.01640211 
_atom_sites.fract_transf_matrix[2][2]   -0.01418279 
_atom_sites.fract_transf_matrix[2][3]   0.00580405 
_atom_sites.fract_transf_matrix[3][1]   -0.01142245 
_atom_sites.fract_transf_matrix[3][2]   -0.00604090 
_atom_sites.fract_transf_matrix[3][3]   0.01751802 
_atom_sites.fract_transf_vector[1]      0.128375 
_atom_sites.fract_transf_vector[2]      0.037454 
_atom_sites.fract_transf_vector[3]      0.262074 
# 
loop_
_atom_type.symbol 
C 
N 
O 
P 
# 
loop_
_atom_site.group_PDB 
_atom_site.id 
_atom_site.type_symbol 
_atom_site.label_atom_id 
_atom_site.label_alt_id 
_atom_site.label_comp_id 
_atom_site.label_asym_id 
_atom_site.label_entity_id 
_atom_site.label_seq_id 
_atom_site.pdbx_PDB_ins_code 
_atom_site.Cartn_x 
_atom_site.Cartn_y 
_atom_site.Cartn_z 
_atom_site.occupancy 
_atom_site.B_iso_or_equiv 
_atom_site.pdbx_formal_charge 
_atom_site.auth_seq_id 
_atom_site.auth_comp_id 
_atom_site.auth_asym_id 
_atom_site.auth_atom_id 
_atom_site.pdbx_PDB_model_num 
ATOM   1   O "O5'" . DG  A 1 1  ? -4.749  9.235   6.142   1.00 24.29 ? 1  DG  A "O5'" 1 
ATOM   2   C "C5'" . DG  A 1 1  ? -6.134  9.481   6.321   1.00 21.43 ? 1  DG  A "C5'" 1 
ATOM   3   C "C4'" . DG  A 1 1  ? -6.744  10.141  5.091   1.00 16.11 ? 1  DG  A "C4'" 1 
ATOM   4   O "O4'" . DG  A 1 1  ? -6.068  11.394  4.827   1.00 17.32 ? 1  DG  A "O4'" 1 
ATOM   5   C "C3'" . DG  A 1 1  ? -6.652  9.352   3.786   1.00 16.22 ? 1  DG  A "C3'" 1 
ATOM   6   O "O3'" . DG  A 1 1  ? -7.805  8.539   3.657   1.00 16.24 ? 1  DG  A "O3'" 1 
ATOM   7   C "C2'" . DG  A 1 1  ? -6.696  10.457  2.732   1.00 12.66 ? 1  DG  A "C2'" 1 
ATOM   8   C "C1'" . DG  A 1 1  ? -5.949  11.596  3.422   1.00 17.95 ? 1  DG  A "C1'" 1 
ATOM   9   N N9    . DG  A 1 1  ? -4.528  11.692  3.056   1.00 15.89 ? 1  DG  A N9    1 
ATOM   10  C C8    . DG  A 1 1  ? -3.426  11.565  3.879   1.00 20.51 ? 1  DG  A C8    1 
ATOM   11  N N7    . DG  A 1 1  ? -2.289  11.709  3.257   1.00 19.90 ? 1  DG  A N7    1 
ATOM   12  C C5    . DG  A 1 1  ? -2.648  11.955  1.932   1.00 17.91 ? 1  DG  A C5    1 
ATOM   13  C C6    . DG  A 1 1  ? -1.855  12.204  0.783   1.00 14.37 ? 1  DG  A C6    1 
ATOM   14  O O6    . DG  A 1 1  ? -0.618  12.261  0.697   1.00 14.41 ? 1  DG  A O6    1 
ATOM   15  N N1    . DG  A 1 1  ? -2.646  12.404  -0.367  1.00 12.96 ? 1  DG  A N1    1 
ATOM   16  C C2    . DG  A 1 1  ? -4.025  12.376  -0.375  1.00 10.97 ? 1  DG  A C2    1 
ATOM   17  N N2    . DG  A 1 1  ? -4.650  12.579  -1.553  1.00 11.97 ? 1  DG  A N2    1 
ATOM   18  N N3    . DG  A 1 1  ? -4.767  12.149  0.699   1.00 12.43 ? 1  DG  A N3    1 
ATOM   19  C C4    . DG  A 1 1  ? -4.020  11.946  1.805   1.00 13.57 ? 1  DG  A C4    1 
HETATM 20  P P     . EXC A 1 2  ? -7.731  7.145   2.865   1.00 17.54 ? 2  EXC A P     1 
HETATM 21  C C1    . EXC A 1 2  ? -2.586  9.012   -0.226  1.00 12.25 ? 2  EXC A C1    1 
HETATM 22  N N2    . EXC A 1 2  ? -2.777  9.271   -1.537  1.00 10.04 ? 2  EXC A N2    1 
HETATM 23  C C3    . EXC A 1 2  ? -4.036  9.310   -2.040  1.00 9.96  ? 2  EXC A C3    1 
HETATM 24  N N4    . EXC A 1 2  ? -5.102  9.074   -1.248  1.00 14.31 ? 2  EXC A N4    1 
HETATM 25  C C5    . EXC A 1 2  ? -4.963  8.830   0.062   1.00 11.76 ? 2  EXC A C5    1 
HETATM 26  C C6    . EXC A 1 2  ? -3.684  8.782   0.600   1.00 15.17 ? 2  EXC A C6    1 
HETATM 27  N N7    . EXC A 1 2  ? -1.330  8.985   0.280   1.00 12.06 ? 2  EXC A N7    1 
HETATM 28  C C8    . EXC A 1 2  ? -1.133  8.730   1.607   1.00 18.35 ? 2  EXC A C8    1 
HETATM 29  C C9    . EXC A 1 2  ? -2.228  8.505   2.447   1.00 17.80 ? 2  EXC A C9    1 
HETATM 30  C "C1'" . EXC A 1 2  ? -6.452  9.157   -1.804  1.00 17.04 ? 2  EXC A "C1'" 1 
HETATM 31  O O10   . EXC A 1 2  ? -3.507  8.517   1.937   1.00 16.57 ? 2  EXC A O10   1 
HETATM 32  C C11   . EXC A 1 2  ? -2.044  8.246   3.807   1.00 29.68 ? 2  EXC A C11   1 
HETATM 33  C C12   . EXC A 1 2  ? -0.749  8.210   4.300   1.00 34.68 ? 2  EXC A C12   1 
HETATM 34  C C13   . EXC A 1 2  ? 0.331   8.438   3.488   1.00 35.57 ? 2  EXC A C13   1 
HETATM 35  C C14   . EXC A 1 2  ? 0.169   8.698   2.130   1.00 23.82 ? 2  EXC A C14   1 
HETATM 36  C C15   . EXC A 1 2  ? 1.621   8.355   4.258   1.00 32.47 ? 2  EXC A C15   1 
HETATM 37  N N16   . EXC A 1 2  ? 1.094   8.255   5.624   1.00 50.95 ? 2  EXC A N16   1 
HETATM 38  C C17   . EXC A 1 2  ? -0.337  7.975   5.725   1.00 38.00 ? 2  EXC A C17   1 
HETATM 39  O O18   . EXC A 1 2  ? -4.201  9.539   -3.267  1.00 12.70 ? 2  EXC A O18   1 
HETATM 40  C C19   . EXC A 1 2  ? 2.393   7.108   3.834   1.00 36.17 ? 2  EXC A C19   1 
HETATM 41  C "C2'" . EXC A 1 2  ? -6.899  7.877   -2.468  1.00 19.92 ? 2  EXC A "C2'" 1 
HETATM 42  C C20   . EXC A 1 2  ? 2.457   9.613   4.059   1.00 38.74 ? 2  EXC A C20   1 
HETATM 43  O O21   . EXC A 1 2  ? 1.788   8.419   6.616   1.00 52.30 ? 2  EXC A O21   1 
HETATM 44  C C22   . EXC A 1 2  ? -0.652  6.552   6.178   1.00 37.50 ? 2  EXC A C22   1 
HETATM 45  C C23   . EXC A 1 2  ? -1.027  9.007   6.609   1.00 35.82 ? 2  EXC A C23   1 
HETATM 46  C "C3'" . EXC A 1 2  ? -7.924  7.336   -1.498  1.00 14.72 ? 2  EXC A "C3'" 1 
HETATM 47  O "O3'" . EXC A 1 2  ? -8.982  6.714   -2.210  1.00 16.27 ? 2  EXC A "O3'" 1 
HETATM 48  C "C4'" . EXC A 1 2  ? -8.456  8.540   -0.744  1.00 14.73 ? 2  EXC A "C4'" 1 
HETATM 49  O "O4'" . EXC A 1 2  ? -7.360  9.460   -0.733  1.00 13.53 ? 2  EXC A "O4'" 1 
HETATM 50  C "C5'" . EXC A 1 2  ? -8.853  8.164   0.679   1.00 18.25 ? 2  EXC A "C5'" 1 
HETATM 51  O "O5'" . EXC A 1 2  ? -7.714  7.583   1.315   1.00 16.96 ? 2  EXC A "O5'" 1 
HETATM 52  O OP1   . EXC A 1 2  ? -9.029  6.403   3.105   1.00 23.34 ? 2  EXC A OP1   1 
HETATM 53  O OP2   . EXC A 1 2  ? -6.393  6.508   3.150   1.00 20.26 ? 2  EXC A OP2   1 
ATOM   54  P P     . DG  A 1 3  ? -8.734  5.320   -2.960  1.00 18.71 ? 3  DG  A P     1 
ATOM   55  O OP1   . DG  A 1 3  ? -10.033 4.857   -3.491  1.00 22.46 ? 3  DG  A OP1   1 
ATOM   56  O OP2   . DG  A 1 3  ? -7.968  4.432   -2.042  1.00 17.19 ? 3  DG  A OP2   1 
ATOM   57  O "O5'" . DG  A 1 3  ? -7.773  5.734   -4.176  1.00 19.43 ? 3  DG  A "O5'" 1 
ATOM   58  C "C5'" . DG  A 1 3  ? -6.725  4.881   -4.628  1.00 16.71 ? 3  DG  A "C5'" 1 
ATOM   59  C "C4'" . DG  A 1 3  ? -5.880  5.628   -5.655  1.00 14.65 ? 3  DG  A "C4'" 1 
ATOM   60  O "O4'" . DG  A 1 3  ? -5.120  6.663   -4.979  1.00 14.05 ? 3  DG  A "O4'" 1 
ATOM   61  C "C3'" . DG  A 1 3  ? -4.832  4.770   -6.344  1.00 11.97 ? 3  DG  A "C3'" 1 
ATOM   62  O "O3'" . DG  A 1 3  ? -5.387  4.191   -7.519  1.00 13.14 ? 3  DG  A "O3'" 1 
ATOM   63  C "C2'" . DG  A 1 3  ? -3.727  5.757   -6.707  1.00 14.02 ? 3  DG  A "C2'" 1 
ATOM   64  C "C1'" . DG  A 1 3  ? -3.814  6.724   -5.533  1.00 12.67 ? 3  DG  A "C1'" 1 
ATOM   65  N N9    . DG  A 1 3  ? -2.858  6.490   -4.455  1.00 11.96 ? 3  DG  A N9    1 
ATOM   66  C C8    . DG  A 1 3  ? -3.140  6.282   -3.132  1.00 8.81  ? 3  DG  A C8    1 
ATOM   67  N N7    . DG  A 1 3  ? -2.065  6.149   -2.394  1.00 12.66 ? 3  DG  A N7    1 
ATOM   68  C C5    . DG  A 1 3  ? -1.016  6.277   -3.294  1.00 14.14 ? 3  DG  A C5    1 
ATOM   69  C C6    . DG  A 1 3  ? 0.379   6.218   -3.078  1.00 13.43 ? 3  DG  A C6    1 
ATOM   70  O O6    . DG  A 1 3  ? 0.990   6.040   -2.007  1.00 13.13 ? 3  DG  A O6    1 
ATOM   71  N N1    . DG  A 1 3  ? 1.087   6.403   -4.267  1.00 11.46 ? 3  DG  A N1    1 
ATOM   72  C C2    . DG  A 1 3  ? 0.528   6.630   -5.503  1.00 10.14 ? 3  DG  A C2    1 
ATOM   73  N N2    . DG  A 1 3  ? 1.392   6.762   -6.528  1.00 10.73 ? 3  DG  A N2    1 
ATOM   74  N N3    . DG  A 1 3  ? -0.784  6.683   -5.717  1.00 10.38 ? 3  DG  A N3    1 
ATOM   75  C C4    . DG  A 1 3  ? -1.488  6.499   -4.569  1.00 9.43  ? 3  DG  A C4    1 
ATOM   76  P P     . DT  A 1 4  ? -4.812  2.800   -8.079  1.00 15.53 ? 4  DT  A P     1 
ATOM   77  O OP1   . DT  A 1 4  ? -5.667  2.378   -9.220  1.00 20.75 ? 4  DT  A OP1   1 
ATOM   78  O OP2   . DT  A 1 4  ? -4.629  1.891   -6.942  1.00 13.40 ? 4  DT  A OP2   1 
ATOM   79  O "O5'" . DT  A 1 4  ? -3.355  3.183   -8.636  1.00 12.82 ? 4  DT  A "O5'" 1 
ATOM   80  C "C5'" . DT  A 1 4  ? -3.151  3.777   -9.916  1.00 12.76 ? 4  DT  A "C5'" 1 
ATOM   81  C "C4'" . DT  A 1 4  ? -1.668  3.658   -10.262 1.00 11.42 ? 4  DT  A "C4'" 1 
ATOM   82  O "O4'" . DT  A 1 4  ? -0.884  4.414   -9.299  1.00 13.19 ? 4  DT  A "O4'" 1 
ATOM   83  C "C3'" . DT  A 1 4  ? -1.114  2.251   -10.105 1.00 14.05 ? 4  DT  A "C3'" 1 
ATOM   84  O "O3'" . DT  A 1 4  ? -1.420  1.439   -11.233 1.00 13.26 ? 4  DT  A "O3'" 1 
ATOM   85  C "C2'" . DT  A 1 4  ? 0.384   2.527   -10.007 1.00 10.50 ? 4  DT  A "C2'" 1 
ATOM   86  C "C1'" . DT  A 1 4  ? 0.383   3.782   -9.147  1.00 12.69 ? 4  DT  A "C1'" 1 
ATOM   87  N N1    . DT  A 1 4  ? 0.548   3.554   -7.683  1.00 9.38  ? 4  DT  A N1    1 
ATOM   88  C C2    . DT  A 1 4  ? 1.807   3.557   -7.131  1.00 9.24  ? 4  DT  A C2    1 
ATOM   89  O O2    . DT  A 1 4  ? 2.809   3.695   -7.804  1.00 9.95  ? 4  DT  A O2    1 
ATOM   90  N N3    . DT  A 1 4  ? 1.836   3.361   -5.765  1.00 11.30 ? 4  DT  A N3    1 
ATOM   91  C C4    . DT  A 1 4  ? 0.749   3.177   -4.922  1.00 10.13 ? 4  DT  A C4    1 
ATOM   92  O O4    . DT  A 1 4  ? 0.861   3.021   -3.700  1.00 11.40 ? 4  DT  A O4    1 
ATOM   93  C C5    . DT  A 1 4  ? -0.533  3.193   -5.572  1.00 13.07 ? 4  DT  A C5    1 
ATOM   94  C C7    . DT  A 1 4  ? -1.768  2.992   -4.745  1.00 14.40 ? 4  DT  A C7    1 
ATOM   95  C C6    . DT  A 1 4  ? -0.574  3.381   -6.900  1.00 11.02 ? 4  DT  A C6    1 
ATOM   96  P P     . DA  A 1 5  ? -1.487  -0.153  -11.073 1.00 15.56 ? 5  DA  A P     1 
ATOM   97  O OP1   . DA  A 1 5  ? -1.873  -0.723  -12.392 1.00 19.06 ? 5  DA  A OP1   1 
ATOM   98  O OP2   . DA  A 1 5  ? -2.310  -0.467  -9.883  1.00 16.58 ? 5  DA  A OP2   1 
ATOM   99  O "O5'" . DA  A 1 5  ? 0.023   -0.543  -10.741 1.00 15.27 ? 5  DA  A "O5'" 1 
ATOM   100 C "C5'" . DA  A 1 5  ? 0.342   -1.541  -9.800  1.00 16.64 ? 5  DA  A "C5'" 1 
ATOM   101 C "C4'" . DA  A 1 5  ? 1.835   -1.490  -9.577  1.00 15.07 ? 5  DA  A "C4'" 1 
ATOM   102 O "O4'" . DA  A 1 5  ? 2.137   -0.271  -8.858  1.00 14.12 ? 5  DA  A "O4'" 1 
ATOM   103 C "C3'" . DA  A 1 5  ? 2.363   -2.595  -8.685  1.00 13.88 ? 5  DA  A "C3'" 1 
ATOM   104 O "O3'" . DA  A 1 5  ? 2.637   -3.750  -9.470  1.00 16.63 ? 5  DA  A "O3'" 1 
ATOM   105 C "C2'" . DA  A 1 5  ? 3.641   -1.971  -8.169  1.00 9.32  ? 5  DA  A "C2'" 1 
ATOM   106 C "C1'" . DA  A 1 5  ? 3.207   -0.515  -7.967  1.00 12.04 ? 5  DA  A "C1'" 1 
ATOM   107 N N9    . DA  A 1 5  ? 2.693   -0.287  -6.627  1.00 12.09 ? 5  DA  A N9    1 
ATOM   108 C C8    . DA  A 1 5  ? 1.386   -0.176  -6.251  1.00 12.05 ? 5  DA  A C8    1 
ATOM   109 N N7    . DA  A 1 5  ? 1.219   0.031   -4.967  1.00 13.87 ? 5  DA  A N7    1 
ATOM   110 C C5    . DA  A 1 5  ? 2.518   0.045   -4.463  1.00 9.62  ? 5  DA  A C5    1 
ATOM   111 C C6    . DA  A 1 5  ? 3.059   0.214   -3.169  1.00 10.65 ? 5  DA  A C6    1 
ATOM   112 N N6    . DA  A 1 5  ? 2.329   0.419   -2.074  1.00 10.27 ? 5  DA  A N6    1 
ATOM   113 N N1    . DA  A 1 5  ? 4.407   0.179   -3.042  1.00 11.54 ? 5  DA  A N1    1 
ATOM   114 C C2    . DA  A 1 5  ? 5.157   -0.024  -4.124  1.00 13.44 ? 5  DA  A C2    1 
ATOM   115 N N3    . DA  A 1 5  ? 4.768   -0.193  -5.379  1.00 14.22 ? 5  DA  A N3    1 
ATOM   116 C C4    . DA  A 1 5  ? 3.435   -0.151  -5.477  1.00 12.84 ? 5  DA  A C4    1 
HETATM 117 N N1    . OMU A 1 6  ? 4.434   -3.817  -4.195  1.00 11.47 ? 6  OMU A N1    1 
HETATM 118 C C2    . OMU A 1 6  ? 4.478   -3.403  -2.911  1.00 10.64 ? 6  OMU A C2    1 
HETATM 119 N N3    . OMU A 1 6  ? 3.365   -2.990  -2.268  1.00 12.72 ? 6  OMU A N3    1 
HETATM 120 C C4    . OMU A 1 6  ? 2.177   -2.994  -2.904  1.00 14.74 ? 6  OMU A C4    1 
HETATM 121 C C5    . OMU A 1 6  ? 2.108   -3.400  -4.235  1.00 13.01 ? 6  OMU A C5    1 
HETATM 122 C C6    . OMU A 1 6  ? 3.271   -3.823  -4.871  1.00 12.50 ? 6  OMU A C6    1 
HETATM 123 O O2    . OMU A 1 6  ? 5.572   -3.420  -2.298  1.00 13.90 ? 6  OMU A O2    1 
HETATM 124 O O4    . OMU A 1 6  ? 1.143   -2.611  -2.315  1.00 13.80 ? 6  OMU A O4    1 
HETATM 125 C "C1'" . OMU A 1 6  ? 5.678   -4.241  -4.851  1.00 13.14 ? 6  OMU A "C1'" 1 
HETATM 126 C "C2'" . OMU A 1 6  ? 5.993   -5.721  -4.598  1.00 10.19 ? 6  OMU A "C2'" 1 
HETATM 127 O "O2'" . OMU A 1 6  ? 7.399   -5.895  -4.702  1.00 16.82 ? 6  OMU A "O2'" 1 
HETATM 128 C CM2   . OMU A 1 6  ? 8.152   -5.416  -3.592  1.00 18.19 ? 6  OMU A CM2   1 
HETATM 129 C "C3'" . OMU A 1 6  ? 5.310   -6.345  -5.798  1.00 16.06 ? 6  OMU A "C3'" 1 
HETATM 130 C "C4'" . OMU A 1 6  ? 5.688   -5.372  -6.896  1.00 16.47 ? 6  OMU A "C4'" 1 
HETATM 131 O "O3'" . OMU A 1 6  ? 5.715   -7.672  -6.068  1.00 17.96 ? 6  OMU A "O3'" 1 
HETATM 132 O "O4'" . OMU A 1 6  ? 5.525   -4.086  -6.252  1.00 15.71 ? 6  OMU A "O4'" 1 
HETATM 133 C "C5'" . OMU A 1 6  ? 4.835   -5.428  -8.121  1.00 15.05 ? 6  OMU A "C5'" 1 
HETATM 134 O "O5'" . OMU A 1 6  ? 3.473   -5.373  -7.769  1.00 13.27 ? 6  OMU A "O5'" 1 
HETATM 135 P P     . OMU A 1 6  ? 2.356   -5.214  -8.877  1.00 15.90 ? 6  OMU A P     1 
HETATM 136 O OP1   . OMU A 1 6  ? 2.612   -6.195  -9.994  1.00 23.00 ? 6  OMU A OP1   1 
HETATM 137 O OP2   . OMU A 1 6  ? 0.999   -5.193  -8.226  1.00 13.68 ? 6  OMU A OP2   1 
ATOM   138 P P     . DA  A 1 7  ? 4.835   -8.902  -5.538  1.00 16.41 ? 7  DA  A P     1 
ATOM   139 O OP1   . DA  A 1 7  ? 5.353   -10.133 -6.184  1.00 20.31 ? 7  DA  A OP1   1 
ATOM   140 O OP2   . DA  A 1 7  ? 3.404   -8.547  -5.655  1.00 18.94 ? 7  DA  A OP2   1 
ATOM   141 O "O5'" . DA  A 1 7  ? 5.174   -8.965  -3.978  1.00 13.31 ? 7  DA  A "O5'" 1 
ATOM   142 C "C5'" . DA  A 1 7  ? 6.489   -9.285  -3.563  1.00 18.20 ? 7  DA  A "C5'" 1 
ATOM   143 C "C4'" . DA  A 1 7  ? 6.614   -9.077  -2.070  1.00 13.95 ? 7  DA  A "C4'" 1 
ATOM   144 O "O4'" . DA  A 1 7  ? 6.452   -7.664  -1.804  1.00 13.34 ? 7  DA  A "O4'" 1 
ATOM   145 C "C3'" . DA  A 1 7  ? 5.522   -9.708  -1.224  1.00 12.84 ? 7  DA  A "C3'" 1 
ATOM   146 O "O3'" . DA  A 1 7  ? 5.803   -11.090 -1.021  1.00 14.74 ? 7  DA  A "O3'" 1 
ATOM   147 C "C2'" . DA  A 1 7  ? 5.697   -8.904  0.065   1.00 12.28 ? 7  DA  A "C2'" 1 
ATOM   148 C "C1'" . DA  A 1 7  ? 5.914   -7.502  -0.510  1.00 14.48 ? 7  DA  A "C1'" 1 
ATOM   149 N N9    . DA  A 1 7  ? 4.642   -6.810  -0.608  1.00 10.32 ? 7  DA  A N9    1 
ATOM   150 C C8    . DA  A 1 7  ? 3.769   -6.753  -1.663  1.00 9.63  ? 7  DA  A C8    1 
ATOM   151 N N7    . DA  A 1 7  ? 2.690   -6.058  -1.408  1.00 12.88 ? 7  DA  A N7    1 
ATOM   152 C C5    . DA  A 1 7  ? 2.861   -5.651  -0.089  1.00 10.45 ? 7  DA  A C5    1 
ATOM   153 C C6    . DA  A 1 7  ? 2.074   -4.895  0.798   1.00 12.89 ? 7  DA  A C6    1 
ATOM   154 N N6    . DA  A 1 7  ? 0.884   -4.365  0.477   1.00 13.18 ? 7  DA  A N6    1 
ATOM   155 N N1    . DA  A 1 7  ? 2.568   -4.710  2.038   1.00 12.19 ? 7  DA  A N1    1 
ATOM   156 C C2    . DA  A 1 7  ? 3.756   -5.221  2.394   1.00 9.76  ? 7  DA  A C2    1 
ATOM   157 N N3    . DA  A 1 7  ? 4.576   -5.955  1.649   1.00 11.17 ? 7  DA  A N3    1 
ATOM   158 C C4    . DA  A 1 7  ? 4.057   -6.117  0.416   1.00 10.96 ? 7  DA  A C4    1 
ATOM   159 P P     . DC  A 1 8  ? 4.627   -12.096 -0.592  1.00 17.47 ? 8  DC  A P     1 
ATOM   160 O OP1   . DC  A 1 8  ? 5.170   -13.468 -0.640  1.00 22.38 ? 8  DC  A OP1   1 
ATOM   161 O OP2   . DC  A 1 8  ? 3.401   -11.711 -1.321  1.00 16.60 ? 8  DC  A OP2   1 
ATOM   162 O "O5'" . DC  A 1 8  ? 4.329   -11.699 0.939   1.00 15.32 ? 8  DC  A "O5'" 1 
ATOM   163 C "C5'" . DC  A 1 8  ? 5.271   -11.989 1.950   1.00 13.75 ? 8  DC  A "C5'" 1 
ATOM   164 C "C4'" . DC  A 1 8  ? 4.860   -11.306 3.245   1.00 12.03 ? 8  DC  A "C4'" 1 
ATOM   165 O "O4'" . DC  A 1 8  ? 4.696   -9.889  3.005   1.00 11.68 ? 8  DC  A "O4'" 1 
ATOM   166 C "C3'" . DC  A 1 8  ? 3.515   -11.724 3.816   1.00 11.40 ? 8  DC  A "C3'" 1 
ATOM   167 O "O3'" . DC  A 1 8  ? 3.698   -12.953 4.483   1.00 10.67 ? 8  DC  A "O3'" 1 
ATOM   168 C "C2'" . DC  A 1 8  ? 3.282   -10.556 4.779   1.00 11.18 ? 8  DC  A "C2'" 1 
ATOM   169 C "C1'" . DC  A 1 8  ? 3.745   -9.374  3.921   1.00 11.90 ? 8  DC  A "C1'" 1 
ATOM   170 N N1    . DC  A 1 8  ? 2.611   -8.826  3.144   1.00 12.41 ? 8  DC  A N1    1 
ATOM   171 C C2    . DC  A 1 8  ? 1.745   -7.951  3.794   1.00 10.41 ? 8  DC  A C2    1 
ATOM   172 O O2    . DC  A 1 8  ? 1.988   -7.685  4.973   1.00 12.55 ? 8  DC  A O2    1 
ATOM   173 N N3    . DC  A 1 8  ? 0.682   -7.447  3.120   1.00 10.83 ? 8  DC  A N3    1 
ATOM   174 C C4    . DC  A 1 8  ? 0.492   -7.797  1.843   1.00 13.28 ? 8  DC  A C4    1 
ATOM   175 N N4    . DC  A 1 8  ? -0.561  -7.292  1.189   1.00 12.43 ? 8  DC  A N4    1 
ATOM   176 C C5    . DC  A 1 8  ? 1.371   -8.694  1.166   1.00 13.01 ? 8  DC  A C5    1 
ATOM   177 C C6    . DC  A 1 8  ? 2.406   -9.188  1.847   1.00 11.80 ? 8  DC  A C6    1 
ATOM   178 P P     . DG  A 1 9  ? 2.441   -13.884 4.872   1.00 15.11 ? 9  DG  A P     1 
ATOM   179 O OP1   . DG  A 1 9  ? 2.970   -15.120 5.480   1.00 16.52 ? 9  DG  A OP1   1 
ATOM   180 O OP2   . DG  A 1 9  ? 1.534   -13.953 3.710   1.00 18.19 ? 9  DG  A OP2   1 
ATOM   181 O "O5'" . DG  A 1 9  ? 1.675   -13.052 5.994   1.00 14.53 ? 9  DG  A "O5'" 1 
ATOM   182 C "C5'" . DG  A 1 9  ? 2.162   -12.967 7.309   1.00 11.31 ? 9  DG  A "C5'" 1 
ATOM   183 C "C4'" . DG  A 1 9  ? 1.191   -12.166 8.152   1.00 8.69  ? 9  DG  A "C4'" 1 
ATOM   184 O "O4'" . DG  A 1 9  ? 1.106   -10.805 7.670   1.00 11.06 ? 9  DG  A "O4'" 1 
ATOM   185 C "C3'" . DG  A 1 9  ? -0.258  -12.610 8.111   1.00 9.71  ? 9  DG  A "C3'" 1 
ATOM   186 O "O3'" . DG  A 1 9  ? -0.407  -13.697 8.963   1.00 12.84 ? 9  DG  A "O3'" 1 
ATOM   187 C "C2'" . DG  A 1 9  ? -0.924  -11.384 8.719   1.00 11.75 ? 9  DG  A "C2'" 1 
ATOM   188 C "C1'" . DG  A 1 9  ? -0.220  -10.341 7.871   1.00 12.02 ? 9  DG  A "C1'" 1 
ATOM   189 N N9    . DG  A 1 9  ? -0.854  -10.111 6.575   1.00 10.44 ? 9  DG  A N9    1 
ATOM   190 C C8    . DG  A 1 9  ? -0.436  -10.507 5.333   1.00 9.36  ? 9  DG  A C8    1 
ATOM   191 N N7    . DG  A 1 9  ? -1.215  -10.115 4.361   1.00 11.26 ? 9  DG  A N7    1 
ATOM   192 C C5    . DG  A 1 9  ? -2.243  -9.420  5.011   1.00 10.38 ? 9  DG  A C5    1 
ATOM   193 C C6    . DG  A 1 9  ? -3.392  -8.744  4.507   1.00 11.00 ? 9  DG  A C6    1 
ATOM   194 O O6    . DG  A 1 9  ? -3.776  -8.625  3.335   1.00 11.51 ? 9  DG  A O6    1 
ATOM   195 N N1    . DG  A 1 9  ? -4.143  -8.174  5.534   1.00 12.84 ? 9  DG  A N1    1 
ATOM   196 C C2    . DG  A 1 9  ? -3.833  -8.222  6.877   1.00 13.22 ? 9  DG  A C2    1 
ATOM   197 N N2    . DG  A 1 9  ? -4.673  -7.606  7.729   1.00 12.24 ? 9  DG  A N2    1 
ATOM   198 N N3    . DG  A 1 9  ? -2.768  -8.837  7.354   1.00 12.75 ? 9  DG  A N3    1 
ATOM   199 C C4    . DG  A 1 9  ? -2.022  -9.405  6.369   1.00 10.82 ? 9  DG  A C4    1 
ATOM   200 P P     . DC  A 1 10 ? -1.545  -14.795 8.682   1.00 13.60 ? 10 DC  A P     1 
ATOM   201 O OP1   . DC  A 1 10 ? -1.372  -15.872 9.681   1.00 19.97 ? 10 DC  A OP1   1 
ATOM   202 O OP2   . DC  A 1 10 ? -1.521  -15.148 7.247   1.00 13.62 ? 10 DC  A OP2   1 
ATOM   203 O "O5'" . DC  A 1 10 ? -2.921  -14.004 8.966   1.00 13.04 ? 10 DC  A "O5'" 1 
ATOM   204 C "C5'" . DC  A 1 10 ? -3.267  -13.544 10.260  1.00 13.89 ? 10 DC  A "C5'" 1 
ATOM   205 C "C4'" . DC  A 1 10 ? -4.646  -12.893 10.249  1.00 13.60 ? 10 DC  A "C4'" 1 
ATOM   206 O "O4'" . DC  A 1 10 ? -4.588  -11.677 9.470   1.00 12.22 ? 10 DC  A "O4'" 1 
ATOM   207 C "C3'" . DC  A 1 10 ? -5.755  -13.706 9.590   1.00 11.44 ? 10 DC  A "C3'" 1 
ATOM   208 O "O3'" . DC  A 1 10 ? -6.298  -14.649 10.524  1.00 10.66 ? 10 DC  A "O3'" 1 
ATOM   209 C "C2'" . DC  A 1 10 ? -6.756  -12.602 9.245   1.00 11.61 ? 10 DC  A "C2'" 1 
ATOM   210 C "C1'" . DC  A 1 10 ? -5.834  -11.452 8.834   1.00 12.41 ? 10 DC  A "C1'" 1 
ATOM   211 N N1    . DC  A 1 10 ? -5.635  -11.454 7.369   1.00 10.74 ? 10 DC  A N1    1 
ATOM   212 C C2    . DC  A 1 10 ? -6.595  -10.830 6.579   1.00 10.54 ? 10 DC  A C2    1 
ATOM   213 O O2    . DC  A 1 10 ? -7.563  -10.298 7.138   1.00 12.78 ? 10 DC  A O2    1 
ATOM   214 N N3    . DC  A 1 10 ? -6.442  -10.838 5.233   1.00 11.98 ? 10 DC  A N3    1 
ATOM   215 C C4    . DC  A 1 10 ? -5.382  -11.431 4.680   1.00 13.34 ? 10 DC  A C4    1 
ATOM   216 N N4    . DC  A 1 10 ? -5.286  -11.400 3.341   1.00 10.96 ? 10 DC  A N4    1 
ATOM   217 C C5    . DC  A 1 10 ? -4.382  -12.072 5.474   1.00 10.74 ? 10 DC  A C5    1 
ATOM   218 C C6    . DC  A 1 10 ? -4.561  -12.073 6.798   1.00 10.05 ? 10 DC  A C6    1 
ATOM   219 O "O5'" . DG  B 1 1  ? -10.914 -4.491  -1.439  1.00 21.94 ? 1  DG  B "O5'" 1 
ATOM   220 C "C5'" . DG  B 1 1  ? -12.173 -3.998  -0.997  1.00 18.08 ? 1  DG  B "C5'" 1 
ATOM   221 C "C4'" . DG  B 1 1  ? -12.480 -4.397  0.435   1.00 20.15 ? 1  DG  B "C4'" 1 
ATOM   222 O "O4'" . DG  B 1 1  ? -12.557 -5.840  0.559   1.00 19.07 ? 1  DG  B "O4'" 1 
ATOM   223 C "C3'" . DG  B 1 1  ? -11.461 -3.949  1.468   1.00 18.18 ? 1  DG  B "C3'" 1 
ATOM   224 O "O3'" . DG  B 1 1  ? -11.799 -2.635  1.898   1.00 14.41 ? 1  DG  B "O3'" 1 
ATOM   225 C "C2'" . DG  B 1 1  ? -11.672 -4.973  2.584   1.00 18.92 ? 1  DG  B "C2'" 1 
ATOM   226 C "C1'" . DG  B 1 1  ? -11.990 -6.246  1.795   1.00 19.73 ? 1  DG  B "C1'" 1 
ATOM   227 N N9    . DG  B 1 1  ? -10.830 -7.095  1.512   1.00 14.14 ? 1  DG  B N9    1 
ATOM   228 C C8    . DG  B 1 1  ? -10.325 -7.424  0.276   1.00 15.17 ? 1  DG  B C8    1 
ATOM   229 N N7    . DG  B 1 1  ? -9.295  -8.214  0.323   1.00 13.69 ? 1  DG  B N7    1 
ATOM   230 C C5    . DG  B 1 1  ? -9.100  -8.441  1.680   1.00 10.46 ? 1  DG  B C5    1 
ATOM   231 C C6    . DG  B 1 1  ? -8.118  -9.221  2.321   1.00 11.59 ? 1  DG  B C6    1 
ATOM   232 O O6    . DG  B 1 1  ? -7.211  -9.898  1.790   1.00 14.50 ? 1  DG  B O6    1 
ATOM   233 N N1    . DG  B 1 1  ? -8.285  -9.188  3.705   1.00 10.87 ? 1  DG  B N1    1 
ATOM   234 C C2    . DG  B 1 1  ? -9.259  -8.491  4.381   1.00 11.52 ? 1  DG  B C2    1 
ATOM   235 N N2    . DG  B 1 1  ? -9.238  -8.580  5.727   1.00 13.62 ? 1  DG  B N2    1 
ATOM   236 N N3    . DG  B 1 1  ? -10.187 -7.745  3.776   1.00 13.10 ? 1  DG  B N3    1 
ATOM   237 C C4    . DG  B 1 1  ? -10.040 -7.768  2.430   1.00 11.99 ? 1  DG  B C4    1 
HETATM 238 P P     . EXC B 1 2  ? -10.670 -1.651  2.460   1.00 17.43 ? 2  EXC B P     1 
HETATM 239 C C1    . EXC B 1 2  ? -6.607  -6.313  3.468   1.00 15.03 ? 2  EXC B C1    1 
HETATM 240 N N2    . EXC B 1 2  ? -6.384  -6.612  4.762   1.00 12.25 ? 2  EXC B N2    1 
HETATM 241 C C3    . EXC B 1 2  ? -7.186  -6.105  5.713   1.00 10.61 ? 2  EXC B C3    1 
HETATM 242 N N4    . EXC B 1 2  ? -8.224  -5.300  5.410   1.00 11.48 ? 2  EXC B N4    1 
HETATM 243 C C5    . EXC B 1 2  ? -8.478  -4.978  4.140   1.00 11.57 ? 2  EXC B C5    1 
HETATM 244 C C6    . EXC B 1 2  ? -7.667  -5.478  3.143   1.00 16.49 ? 2  EXC B C6    1 
HETATM 245 N N7    . EXC B 1 2  ? -5.809  -6.816  2.497   1.00 12.49 ? 2  EXC B N7    1 
HETATM 246 C C8    . EXC B 1 2  ? -6.044  -6.512  1.200   1.00 16.11 ? 2  EXC B C8    1 
HETATM 247 C C9    . EXC B 1 2  ? -7.108  -5.670  0.860   1.00 16.30 ? 2  EXC B C9    1 
HETATM 248 C "C1'" . EXC B 1 2  ? -9.088  -4.776  6.464   1.00 11.08 ? 2  EXC B "C1'" 1 
HETATM 249 O O10   . EXC B 1 2  ? -7.905  -5.157  1.837   1.00 15.90 ? 2  EXC B O10   1 
HETATM 250 C C11   . EXC B 1 2  ? -7.379  -5.348  -0.466  1.00 18.81 ? 2  EXC B C11   1 
HETATM 251 C C12   . EXC B 1 2  ? -6.540  -5.873  -1.437  1.00 20.67 ? 2  EXC B C12   1 
HETATM 252 C C13   . EXC B 1 2  ? -5.495  -6.695  -1.109  1.00 24.21 ? 2  EXC B C13   1 
HETATM 253 C C14   . EXC B 1 2  ? -5.217  -7.038  0.208   1.00 19.54 ? 2  EXC B C14   1 
HETATM 254 C C15   . EXC B 1 2  ? -4.752  -7.147  -2.327  1.00 27.86 ? 2  EXC B C15   1 
HETATM 255 N N16   . EXC B 1 2  ? -5.549  -6.519  -3.383  1.00 29.97 ? 2  EXC B N16   1 
HETATM 256 C C17   . EXC B 1 2  ? -6.641  -5.667  -2.920  1.00 23.17 ? 2  EXC B C17   1 
HETATM 257 O O18   . EXC B 1 2  ? -6.981  -6.385  6.905   1.00 11.16 ? 2  EXC B O18   1 
HETATM 258 C C19   . EXC B 1 2  ? -3.321  -6.628  -2.300  1.00 21.72 ? 2  EXC B C19   1 
HETATM 259 C "C2'" . EXC B 1 2  ? -8.424  -3.596  7.144   1.00 14.09 ? 2  EXC B "C2'" 1 
HETATM 260 C C20   . EXC B 1 2  ? -4.815  -8.669  -2.411  1.00 21.39 ? 2  EXC B C20   1 
HETATM 261 O O21   . EXC B 1 2  ? -5.323  -6.701  -4.565  1.00 39.82 ? 2  EXC B O21   1 
HETATM 262 C C22   . EXC B 1 2  ? -6.429  -4.200  -3.275  1.00 31.01 ? 2  EXC B C22   1 
HETATM 263 C C23   . EXC B 1 2  ? -7.996  -6.184  -3.400  1.00 19.65 ? 2  EXC B C23   1 
HETATM 264 C "C3'" . EXC B 1 2  ? -9.106  -2.438  6.438   1.00 14.02 ? 2  EXC B "C3'" 1 
HETATM 265 O "O3'" . EXC B 1 2  ? -9.119  -1.287  7.284   1.00 15.52 ? 2  EXC B "O3'" 1 
HETATM 266 C "C4'" . EXC B 1 2  ? -10.507 -2.956  6.162   1.00 10.93 ? 2  EXC B "C4'" 1 
HETATM 267 O "O4'" . EXC B 1 2  ? -10.332 -4.344  5.858   1.00 11.03 ? 2  EXC B "O4'" 1 
HETATM 268 C "C5'" . EXC B 1 2  ? -11.180 -2.245  4.993   1.00 17.63 ? 2  EXC B "C5'" 1 
HETATM 269 O "O5'" . EXC B 1 2  ? -10.288 -2.283  3.891   1.00 18.44 ? 2  EXC B "O5'" 1 
HETATM 270 O OP1   . EXC B 1 2  ? -11.317 -0.316  2.754   1.00 21.38 ? 2  EXC B OP1   1 
HETATM 271 O OP2   . EXC B 1 2  ? -9.458  -1.767  1.577   1.00 16.40 ? 2  EXC B OP2   1 
ATOM   272 P P     . DG  B 1 3  ? -7.967  -0.189  7.144   1.00 19.13 ? 3  DG  B P     1 
ATOM   273 O OP1   . DG  B 1 3  ? -8.228  0.876   8.139   1.00 20.79 ? 3  DG  B OP1   1 
ATOM   274 O OP2   . DG  B 1 3  ? -7.785  0.090   5.703   1.00 20.18 ? 3  DG  B OP2   1 
ATOM   275 O "O5'" . DG  B 1 3  ? -6.645  -0.965  7.608   1.00 14.19 ? 3  DG  B "O5'" 1 
ATOM   276 C "C5'" . DG  B 1 3  ? -6.523  -1.300  8.994   1.00 17.27 ? 3  DG  B "C5'" 1 
ATOM   277 C "C4'" . DG  B 1 3  ? -5.326  -2.192  9.221   1.00 14.06 ? 3  DG  B "C4'" 1 
ATOM   278 O "O4'" . DG  B 1 3  ? -5.464  -3.412  8.445   1.00 15.83 ? 3  DG  B "O4'" 1 
ATOM   279 C "C3'" . DG  B 1 3  ? -4.022  -1.647  8.687   1.00 11.30 ? 3  DG  B "C3'" 1 
ATOM   280 O "O3'" . DG  B 1 3  ? -3.534  -0.663  9.572   1.00 14.51 ? 3  DG  B "O3'" 1 
ATOM   281 C "C2'" . DG  B 1 3  ? -3.190  -2.925  8.772   1.00 14.33 ? 3  DG  B "C2'" 1 
ATOM   282 C "C1'" . DG  B 1 3  ? -4.175  -3.939  8.208   1.00 15.26 ? 3  DG  B "C1'" 1 
ATOM   283 N N9    . DG  B 1 3  ? -4.010  -4.162  6.778   1.00 11.19 ? 3  DG  B N9    1 
ATOM   284 C C8    . DG  B 1 3  ? -4.820  -3.740  5.753   1.00 12.79 ? 3  DG  B C8    1 
ATOM   285 N N7    . DG  B 1 3  ? -4.397  -4.098  4.571   1.00 12.66 ? 3  DG  B N7    1 
ATOM   286 C C5    . DG  B 1 3  ? -3.228  -4.808  4.830   1.00 10.91 ? 3  DG  B C5    1 
ATOM   287 C C6    . DG  B 1 3  ? -2.310  -5.450  3.960   1.00 13.32 ? 3  DG  B C6    1 
ATOM   288 O O6    . DG  B 1 3  ? -2.347  -5.529  2.727   1.00 14.54 ? 3  DG  B O6    1 
ATOM   289 N N1    . DG  B 1 3  ? -1.258  -6.044  4.667   1.00 9.01  ? 3  DG  B N1    1 
ATOM   290 C C2    . DG  B 1 3  ? -1.122  -6.027  6.031   1.00 12.17 ? 3  DG  B C2    1 
ATOM   291 N N2    . DG  B 1 3  ? -0.056  -6.647  6.554   1.00 11.08 ? 3  DG  B N2    1 
ATOM   292 N N3    . DG  B 1 3  ? -1.971  -5.431  6.849   1.00 10.82 ? 3  DG  B N3    1 
ATOM   293 C C4    . DG  B 1 3  ? -2.984  -4.851  6.184   1.00 10.64 ? 3  DG  B C4    1 
ATOM   294 P P     . DT  B 1 4  ? -2.439  0.392   9.080   1.00 13.97 ? 4  DT  B P     1 
ATOM   295 O OP1   . DT  B 1 4  ? -2.190  1.338   10.200  1.00 14.51 ? 4  DT  B OP1   1 
ATOM   296 O OP2   . DT  B 1 4  ? -2.806  0.829   7.718   1.00 13.87 ? 4  DT  B OP2   1 
ATOM   297 O "O5'" . DT  B 1 4  ? -1.128  -0.493  8.884   1.00 14.41 ? 4  DT  B "O5'" 1 
ATOM   298 C "C5'" . DT  B 1 4  ? -0.438  -1.060  9.986   1.00 14.13 ? 4  DT  B "C5'" 1 
ATOM   299 C "C4'" . DT  B 1 4  ? 0.780   -1.810  9.490   1.00 16.22 ? 4  DT  B "C4'" 1 
ATOM   300 O "O4'" . DT  B 1 4  ? 0.369   -2.923  8.662   1.00 13.80 ? 4  DT  B "O4'" 1 
ATOM   301 C "C3'" . DT  B 1 4  ? 1.700   -1.028  8.567   1.00 14.24 ? 4  DT  B "C3'" 1 
ATOM   302 O "O3'" . DT  B 1 4  ? 2.508   -0.135  9.305   1.00 14.19 ? 4  DT  B "O3'" 1 
ATOM   303 C "C2'" . DT  B 1 4  ? 2.527   -2.180  8.011   1.00 13.00 ? 4  DT  B "C2'" 1 
ATOM   304 C "C1'" . DT  B 1 4  ? 1.413   -3.183  7.734   1.00 11.19 ? 4  DT  B "C1'" 1 
ATOM   305 N N1    . DT  B 1 4  ? 0.884   -3.047  6.357   1.00 12.39 ? 4  DT  B N1    1 
ATOM   306 C C2    . DT  B 1 4  ? 1.595   -3.652  5.339   1.00 10.90 ? 4  DT  B C2    1 
ATOM   307 O O2    . DT  B 1 4  ? 2.626   -4.265  5.537   1.00 11.25 ? 4  DT  B O2    1 
ATOM   308 N N3    . DT  B 1 4  ? 1.052   -3.482  4.095   1.00 11.16 ? 4  DT  B N3    1 
ATOM   309 C C4    . DT  B 1 4  ? -0.103  -2.797  3.776   1.00 11.96 ? 4  DT  B C4    1 
ATOM   310 O O4    . DT  B 1 4  ? -0.501  -2.695  2.612   1.00 13.41 ? 4  DT  B O4    1 
ATOM   311 C C5    . DT  B 1 4  ? -0.795  -2.179  4.878   1.00 13.02 ? 4  DT  B C5    1 
ATOM   312 C C7    . DT  B 1 4  ? -2.058  -1.410  4.622   1.00 13.67 ? 4  DT  B C7    1 
ATOM   313 C C6    . DT  B 1 4  ? -0.279  -2.335  6.107   1.00 9.26  ? 4  DT  B C6    1 
ATOM   314 P P     . DA  B 1 5  ? 3.161   1.143   8.589   1.00 19.18 ? 5  DA  B P     1 
ATOM   315 O OP1   . DA  B 1 5  ? 3.918   1.904   9.621   1.00 25.04 ? 5  DA  B OP1   1 
ATOM   316 O OP2   . DA  B 1 5  ? 2.127   1.797   7.773   1.00 20.40 ? 5  DA  B OP2   1 
ATOM   317 O "O5'" . DA  B 1 5  ? 4.247   0.513   7.614   1.00 14.92 ? 5  DA  B "O5'" 1 
ATOM   318 C "C5'" . DA  B 1 5  ? 5.343   -0.167  8.190   1.00 19.27 ? 5  DA  B "C5'" 1 
ATOM   319 C "C4'" . DA  B 1 5  ? 6.178   -0.782  7.090   1.00 13.51 ? 5  DA  B "C4'" 1 
ATOM   320 O "O4'" . DA  B 1 5  ? 5.335   -1.711  6.371   1.00 14.55 ? 5  DA  B "O4'" 1 
ATOM   321 C "C3'" . DA  B 1 5  ? 6.630   0.182   6.008   1.00 15.47 ? 5  DA  B "C3'" 1 
ATOM   322 O "O3'" . DA  B 1 5  ? 7.817   0.844   6.414   1.00 16.31 ? 5  DA  B "O3'" 1 
ATOM   323 C "C2'" . DA  B 1 5  ? 6.937   -0.800  4.882   1.00 10.96 ? 5  DA  B "C2'" 1 
ATOM   324 C "C1'" . DA  B 1 5  ? 5.751   -1.745  5.024   1.00 16.07 ? 5  DA  B "C1'" 1 
ATOM   325 N N9    . DA  B 1 5  ? 4.597   -1.406  4.201   1.00 11.38 ? 5  DA  B N9    1 
ATOM   326 C C8    . DA  B 1 5  ? 3.437   -0.789  4.574   1.00 11.81 ? 5  DA  B C8    1 
ATOM   327 N N7    . DA  B 1 5  ? 2.587   -0.644  3.579   1.00 12.41 ? 5  DA  B N7    1 
ATOM   328 C C5    . DA  B 1 5  ? 3.230   -1.204  2.491   1.00 8.20  ? 5  DA  B C5    1 
ATOM   329 C C6    . DA  B 1 5  ? 2.857   -1.374  1.141   1.00 10.86 ? 5  DA  B C6    1 
ATOM   330 N N6    . DA  B 1 5  ? 1.679   -0.977  0.627   1.00 13.63 ? 5  DA  B N6    1 
ATOM   331 N N1    . DA  B 1 5  ? 3.763   -1.984  0.340   1.00 11.19 ? 5  DA  B N1    1 
ATOM   332 C C2    . DA  B 1 5  ? 4.929   -2.387  0.853   1.00 13.44 ? 5  DA  B C2    1 
ATOM   333 N N3    . DA  B 1 5  ? 5.391   -2.283  2.099   1.00 10.98 ? 5  DA  B N3    1 
ATOM   334 C C4    . DA  B 1 5  ? 4.472   -1.680  2.866   1.00 10.39 ? 5  DA  B C4    1 
HETATM 335 N N1    . OMU B 1 6  ? 7.643   0.573   0.788   1.00 12.92 ? 6  OMU B N1    1 
HETATM 336 C C2    . OMU B 1 6  ? 7.034   0.347   -0.391  1.00 9.21  ? 6  OMU B C2    1 
HETATM 337 N N3    . OMU B 1 6  ? 5.720   0.649   -0.579  1.00 9.49  ? 6  OMU B N3    1 
HETATM 338 C C4    . OMU B 1 6  ? 4.997   1.204   0.417   1.00 11.73 ? 6  OMU B C4    1 
HETATM 339 C C5    . OMU B 1 6  ? 5.609   1.451   1.641   1.00 11.52 ? 6  OMU B C5    1 
HETATM 340 C C6    . OMU B 1 6  ? 6.954   1.114   1.808   1.00 8.64  ? 6  OMU B C6    1 
HETATM 341 O O2    . OMU B 1 6  ? 7.707   -0.161  -1.311  1.00 11.97 ? 6  OMU B O2    1 
HETATM 342 O O4    . OMU B 1 6  ? 3.790   1.491   0.245   1.00 11.39 ? 6  OMU B O4    1 
HETATM 343 C "C1'" . OMU B 1 6  ? 9.065   0.211   0.975   1.00 12.59 ? 6  OMU B "C1'" 1 
HETATM 344 C "C2'" . OMU B 1 6  ? 10.014  1.324   0.512   1.00 13.67 ? 6  OMU B "C2'" 1 
HETATM 345 O "O2'" . OMU B 1 6  ? 11.259  0.730   0.152   1.00 15.32 ? 6  OMU B "O2'" 1 
HETATM 346 C CM2   . OMU B 1 6  ? 11.214  0.043   -1.099  1.00 18.94 ? 6  OMU B CM2   1 
HETATM 347 C "C3'" . OMU B 1 6  ? 10.166  2.099   1.806   1.00 16.36 ? 6  OMU B "C3'" 1 
HETATM 348 C "C4'" . OMU B 1 6  ? 10.292  0.969   2.812   1.00 11.37 ? 6  OMU B "C4'" 1 
HETATM 349 O "O3'" . OMU B 1 6  ? 11.273  2.985   1.821   1.00 18.65 ? 6  OMU B "O3'" 1 
HETATM 350 O "O4'" . OMU B 1 6  ? 9.296   0.019   2.359   1.00 13.53 ? 6  OMU B "O4'" 1 
HETATM 351 C "C5'" . OMU B 1 6  ? 10.030  1.334   4.245   1.00 12.14 ? 6  OMU B "C5'" 1 
HETATM 352 O "O5'" . OMU B 1 6  ? 8.767   1.956   4.383   1.00 14.56 ? 6  OMU B "O5'" 1 
HETATM 353 P P     . OMU B 1 6  ? 8.171   2.290   5.817   1.00 17.48 ? 6  OMU B P     1 
HETATM 354 O OP1   . OMU B 1 6  ? 9.246   2.880   6.692   1.00 25.53 ? 6  OMU B OP1   1 
HETATM 355 O OP2   . OMU B 1 6  ? 6.877   3.036   5.653   1.00 17.85 ? 6  OMU B OP2   1 
ATOM   356 P P     . DA  B 1 7  ? 11.062  4.547   1.501   1.00 20.98 ? 7  DA  B P     1 
ATOM   357 O OP1   . DA  B 1 7  ? 12.326  5.246   1.841   1.00 23.04 ? 7  DA  B OP1   1 
ATOM   358 O OP2   . DA  B 1 7  ? 9.781   4.977   2.093   1.00 22.71 ? 7  DA  B OP2   1 
ATOM   359 O "O5'" . DA  B 1 7  ? 10.774  4.575   -0.072  1.00 17.48 ? 7  DA  B "O5'" 1 
ATOM   360 C "C5'" . DA  B 1 7  ? 11.821  4.323   -0.984  1.00 17.41 ? 7  DA  B "C5'" 1 
ATOM   361 C "C4'" . DA  B 1 7  ? 11.261  4.199   -2.389  1.00 16.94 ? 7  DA  B "C4'" 1 
ATOM   362 O "O4'" . DA  B 1 7  ? 10.316  3.105   -2.456  1.00 17.50 ? 7  DA  B "O4'" 1 
ATOM   363 C "C3'" . DA  B 1 7  ? 10.454  5.380   -2.905  1.00 16.54 ? 7  DA  B "C3'" 1 
ATOM   364 O "O3'" . DA  B 1 7  ? 11.370  6.425   -3.237  1.00 17.91 ? 7  DA  B "O3'" 1 
ATOM   365 C "C2'" . DA  B 1 7  ? 9.831   4.699   -4.121  1.00 11.79 ? 7  DA  B "C2'" 1 
ATOM   366 C "C1'" . DA  B 1 7  ? 9.377   3.385   -3.487  1.00 16.52 ? 7  DA  B "C1'" 1 
ATOM   367 N N9    . DA  B 1 7  ? 8.040   3.502   -2.917  1.00 15.06 ? 7  DA  B N9    1 
ATOM   368 C C8    . DA  B 1 7  ? 7.697   3.747   -1.622  1.00 13.12 ? 7  DA  B C8    1 
ATOM   369 N N7    . DA  B 1 7  ? 6.403   3.805   -1.413  1.00 14.51 ? 7  DA  B N7    1 
ATOM   370 C C5    . DA  B 1 7  ? 5.861   3.595   -2.675  1.00 11.94 ? 7  DA  B C5    1 
ATOM   371 C C6    . DA  B 1 7  ? 4.533   3.544   -3.153  1.00 11.34 ? 7  DA  B C6    1 
ATOM   372 N N6    . DA  B 1 7  ? 3.466   3.692   -2.351  1.00 14.73 ? 7  DA  B N6    1 
ATOM   373 N N1    . DA  B 1 7  ? 4.353   3.303   -4.477  1.00 12.03 ? 7  DA  B N1    1 
ATOM   374 C C2    . DA  B 1 7  ? 5.425   3.134   -5.266  1.00 12.43 ? 7  DA  B C2    1 
ATOM   375 N N3    . DA  B 1 7  ? 6.715   3.168   -4.925  1.00 13.07 ? 7  DA  B N3    1 
ATOM   376 C C4    . DA  B 1 7  ? 6.858   3.410   -3.612  1.00 11.45 ? 7  DA  B C4    1 
ATOM   377 P P     . DC  B 1 8  ? 10.922  7.965   -3.129  1.00 18.51 ? 8  DC  B P     1 
ATOM   378 O OP1   . DC  B 1 8  ? 12.081  8.799   -3.503  1.00 20.95 ? 8  DC  B OP1   1 
ATOM   379 O OP2   . DC  B 1 8  ? 10.231  8.160   -1.836  1.00 19.44 ? 8  DC  B OP2   1 
ATOM   380 O "O5'" . DC  B 1 8  ? 9.832   8.125   -4.302  1.00 15.44 ? 8  DC  B "O5'" 1 
ATOM   381 C "C5'" . DC  B 1 8  ? 10.192  7.874   -5.639  1.00 16.71 ? 8  DC  B "C5'" 1 
ATOM   382 C "C4'" . DC  B 1 8  ? 8.941   7.796   -6.501  1.00 10.87 ? 8  DC  B "C4'" 1 
ATOM   383 O "O4'" . DC  B 1 8  ? 8.142   6.679   -6.048  1.00 14.38 ? 8  DC  B "O4'" 1 
ATOM   384 C "C3'" . DC  B 1 8  ? 8.026   9.006   -6.449  1.00 14.89 ? 8  DC  B "C3'" 1 
ATOM   385 O "O3'" . DC  B 1 8  ? 8.593   9.889   -7.402  1.00 16.27 ? 8  DC  B "O3'" 1 
ATOM   386 C "C2'" . DC  B 1 8  ? 6.726   8.363   -6.933  1.00 13.08 ? 8  DC  B "C2'" 1 
ATOM   387 C "C1'" . DC  B 1 8  ? 6.772   6.984   -6.266  1.00 12.53 ? 8  DC  B "C1'" 1 
ATOM   388 N N1    . DC  B 1 8  ? 6.025   6.958   -4.966  1.00 11.51 ? 8  DC  B N1    1 
ATOM   389 C C2    . DC  B 1 8  ? 4.645   6.753   -5.023  1.00 12.95 ? 8  DC  B C2    1 
ATOM   390 O O2    . DC  B 1 8  ? 4.154   6.593   -6.149  1.00 10.28 ? 8  DC  B O2    1 
ATOM   391 N N3    . DC  B 1 8  ? 3.918   6.738   -3.873  1.00 10.68 ? 8  DC  B N3    1 
ATOM   392 C C4    . DC  B 1 8  ? 4.531   6.911   -2.703  1.00 12.96 ? 8  DC  B C4    1 
ATOM   393 N N4    . DC  B 1 8  ? 3.783   6.881   -1.591  1.00 13.60 ? 8  DC  B N4    1 
ATOM   394 C C5    . DC  B 1 8  ? 5.942   7.140   -2.632  1.00 12.95 ? 8  DC  B C5    1 
ATOM   395 C C6    . DC  B 1 8  ? 6.649   7.151   -3.769  1.00 11.80 ? 8  DC  B C6    1 
ATOM   396 P P     . DG  B 1 9  ? 8.060   11.405  -7.553  1.00 24.43 ? 9  DG  B P     1 
ATOM   397 O OP1   . DG  B 1 9  ? 8.933   12.096  -8.542  1.00 29.23 ? 9  DG  B OP1   1 
ATOM   398 O OP2   . DG  B 1 9  ? 7.875   11.963  -6.207  1.00 17.89 ? 9  DG  B OP2   1 
ATOM   399 O "O5'" . DG  B 1 9  ? 6.622   11.225  -8.233  1.00 19.06 ? 9  DG  B "O5'" 1 
ATOM   400 C "C5'" . DG  B 1 9  ? 5.562   11.834  -7.631  1.00 14.09 ? 9  DG  B "C5'" 1 
ATOM   401 C "C4'" . DG  B 1 9  ? 4.309   11.314  -8.291  1.00 11.89 ? 9  DG  B "C4'" 1 
ATOM   402 O "O4'" . DG  B 1 9  ? 4.007   10.071  -7.632  1.00 12.43 ? 9  DG  B "O4'" 1 
ATOM   403 C "C3'" . DG  B 1 9  ? 3.133   12.232  -8.040  1.00 12.99 ? 9  DG  B "C3'" 1 
ATOM   404 O "O3'" . DG  B 1 9  ? 2.995   13.102  -9.141  1.00 13.46 ? 9  DG  B "O3'" 1 
ATOM   405 C "C2'" . DG  B 1 9  ? 1.961   11.277  -7.942  1.00 10.18 ? 9  DG  B "C2'" 1 
ATOM   406 C "C1'" . DG  B 1 9  ? 2.637   10.093  -7.259  1.00 10.83 ? 9  DG  B "C1'" 1 
ATOM   407 N N9    . DG  B 1 9  ? 2.556   10.027  -5.804  1.00 10.09 ? 9  DG  B N9    1 
ATOM   408 C C8    . DG  B 1 9  ? 3.591   9.987   -4.897  1.00 14.68 ? 9  DG  B C8    1 
ATOM   409 N N7    . DG  B 1 9  ? 3.182   9.872   -3.661  1.00 12.69 ? 9  DG  B N7    1 
ATOM   410 C C5    . DG  B 1 9  ? 1.796   9.807   -3.752  1.00 10.43 ? 9  DG  B C5    1 
ATOM   411 C C6    . DG  B 1 9  ? 0.796   9.675   -2.761  1.00 9.96  ? 9  DG  B C6    1 
ATOM   412 O O6    . DG  B 1 9  ? 0.924   9.567   -1.529  1.00 12.88 ? 9  DG  B O6    1 
ATOM   413 N N1    . DG  B 1 9  ? -0.482  9.669   -3.319  1.00 9.40  ? 9  DG  B N1    1 
ATOM   414 C C2    . DG  B 1 9  ? -0.769  9.777   -4.657  1.00 12.78 ? 9  DG  B C2    1 
ATOM   415 N N2    . DG  B 1 9  ? -2.068  9.763   -5.020  1.00 11.25 ? 9  DG  B N2    1 
ATOM   416 N N3    . DG  B 1 9  ? 0.162   9.894   -5.588  1.00 10.48 ? 9  DG  B N3    1 
ATOM   417 C C4    . DG  B 1 9  ? 1.404   9.900   -5.071  1.00 9.86  ? 9  DG  B C4    1 
ATOM   418 P P     . DC  B 1 10 ? 2.490   14.605  -8.914  1.00 14.88 ? 10 DC  B P     1 
ATOM   419 O OP1   . DC  B 1 10 ? 2.470   15.261  -10.237 1.00 20.39 ? 10 DC  B OP1   1 
ATOM   420 O OP2   . DC  B 1 10 ? 3.234   15.166  -7.776  1.00 16.79 ? 10 DC  B OP2   1 
ATOM   421 O "O5'" . DC  B 1 10 ? 0.996   14.422  -8.409  1.00 15.83 ? 10 DC  B "O5'" 1 
ATOM   422 C "C5'" . DC  B 1 10 ? -0.036  14.035  -9.303  1.00 12.11 ? 10 DC  B "C5'" 1 
ATOM   423 C "C4'" . DC  B 1 10 ? -1.347  13.981  -8.532  1.00 11.77 ? 10 DC  B "C4'" 1 
ATOM   424 O "O4'" . DC  B 1 10 ? -1.253  13.007  -7.451  1.00 12.05 ? 10 DC  B "O4'" 1 
ATOM   425 C "C3'" . DC  B 1 10 ? -1.662  15.284  -7.802  1.00 12.54 ? 10 DC  B "C3'" 1 
ATOM   426 O "O3'" . DC  B 1 10 ? -2.425  16.136  -8.635  1.00 15.39 ? 10 DC  B "O3'" 1 
ATOM   427 C "C2'" . DC  B 1 10 ? -2.544  14.839  -6.646  1.00 11.02 ? 10 DC  B "C2'" 1 
ATOM   428 C "C1'" . DC  B 1 10 ? -2.038  13.436  -6.355  1.00 12.89 ? 10 DC  B "C1'" 1 
ATOM   429 N N1    . DC  B 1 10 ? -1.204  13.307  -5.132  1.00 8.69  ? 10 DC  B N1    1 
ATOM   430 C C2    . DC  B 1 10 ? -1.858  13.105  -3.918  1.00 11.78 ? 10 DC  B C2    1 
ATOM   431 O O2    . DC  B 1 10 ? -3.099  13.064  -3.914  1.00 12.56 ? 10 DC  B O2    1 
ATOM   432 N N3    . DC  B 1 10 ? -1.109  12.951  -2.800  1.00 10.00 ? 10 DC  B N3    1 
ATOM   433 C C4    . DC  B 1 10 ? 0.223   13.010  -2.884  1.00 12.55 ? 10 DC  B C4    1 
ATOM   434 N N4    . DC  B 1 10 ? 0.926   12.854  -1.757  1.00 11.58 ? 10 DC  B N4    1 
ATOM   435 C C5    . DC  B 1 10 ? 0.905   13.234  -4.120  1.00 12.15 ? 10 DC  B C5    1 
ATOM   436 C C6    . DC  B 1 10 ? 0.155   13.369  -5.216  1.00 10.86 ? 10 DC  B C6    1 
HETATM 437 O O     . HOH C 2 .  ? -3.072  -9.042  10.315  1.00 21.89 ? 11 HOH A O     1 
HETATM 438 O O     . HOH C 2 .  ? -2.392  0.029   -7.219  1.00 19.55 ? 12 HOH A O     1 
HETATM 439 O O     . HOH C 2 .  ? 7.461   -4.655  -0.498  1.00 16.71 ? 13 HOH A O     1 
HETATM 440 O O     . HOH C 2 .  ? 0.262   -6.206  -2.817  1.00 21.96 ? 14 HOH A O     1 
HETATM 441 O O     . HOH C 2 .  ? -4.760  -16.789 10.869  1.00 12.21 ? 15 HOH A O     1 
HETATM 442 O O     . HOH C 2 .  ? 1.489   -16.553 9.323   1.00 16.78 ? 16 HOH A O     1 
HETATM 443 O O     . HOH C 2 .  ? -0.585  -15.077 12.124  1.00 21.55 ? 17 HOH A O     1 
HETATM 444 O O     . HOH C 2 .  ? -4.618  6.517   5.475   1.00 30.39 ? 18 HOH A O     1 
HETATM 445 O O     . HOH C 2 .  ? -5.354  4.855   -1.154  1.00 20.54 ? 19 HOH A O     1 
HETATM 446 O O     . HOH C 2 .  ? -2.082  5.629   0.307   1.00 21.17 ? 20 HOH A O     1 
HETATM 447 O O     . HOH C 2 .  ? -6.265  10.514  -4.870  1.00 14.47 ? 21 HOH A O     1 
HETATM 448 O O     . HOH C 2 .  ? -3.038  1.262   -13.932 1.00 22.82 ? 22 HOH A O     1 
HETATM 449 O O     . HOH C 2 .  ? -0.639  -2.954  -13.436 1.00 17.99 ? 23 HOH A O     1 
HETATM 450 O O     . HOH C 2 .  ? -0.687  -8.499  -1.796  1.00 32.50 ? 24 HOH A O     1 
HETATM 451 O O     . HOH C 2 .  ? -3.089  -9.828  0.896   1.00 21.55 ? 25 HOH A O     1 
HETATM 452 O O     . HOH C 2 .  ? 0.757   -11.891 -0.212  1.00 24.32 ? 26 HOH A O     1 
HETATM 453 O O     . HOH C 2 .  ? -0.550  -12.193 12.397  1.00 27.72 ? 27 HOH A O     1 
HETATM 454 O O     . HOH C 2 .  ? -3.013  -17.915 9.084   1.00 17.23 ? 28 HOH A O     1 
HETATM 455 O O     . HOH C 2 .  ? -2.867  -12.950 2.498   1.00 21.79 ? 29 HOH A O     1 
HETATM 456 O O     . HOH C 2 .  ? -7.696  1.623   -3.162  1.00 33.26 ? 37 HOH A O     1 
HETATM 457 O O     . HOH C 2 .  ? -5.280  1.570   -4.191  1.00 29.42 ? 38 HOH A O     1 
HETATM 458 O O     . HOH C 2 .  ? -0.611  -3.248  -6.780  1.00 28.46 ? 39 HOH A O     1 
HETATM 459 O O     . HOH C 2 .  ? 6.704   -0.501  -7.372  1.00 19.28 ? 40 HOH A O     1 
HETATM 460 O O     . HOH C 2 .  ? 8.942   -7.794  -6.421  1.00 33.60 ? 41 HOH A O     1 
HETATM 461 O O     . HOH C 2 .  ? -4.708  5.128   1.418   1.00 20.83 ? 44 HOH A O     1 
HETATM 462 O O     . HOH C 2 .  ? -10.651 4.763   1.796   1.00 29.34 ? 45 HOH A O     1 
HETATM 463 O O     . HOH C 2 .  ? 1.766   13.689  1.845   1.00 29.39 ? 46 HOH A O     1 
HETATM 464 O O     . HOH C 2 .  ? -6.116  8.847   -7.055  1.00 23.10 ? 47 HOH A O     1 
HETATM 465 O O     . HOH C 2 .  ? -1.246  -0.862  -3.709  1.00 28.80 ? 48 HOH A O     1 
HETATM 466 O O     . HOH C 2 .  ? -3.075  -3.183  -9.534  1.00 32.65 ? 49 HOH A O     1 
HETATM 467 O O     . HOH C 2 .  ? 0.936   -6.715  -5.548  1.00 35.10 ? 50 HOH A O     1 
HETATM 468 O O     . HOH C 2 .  ? 1.860   -9.701  -2.467  1.00 29.12 ? 51 HOH A O     1 
HETATM 469 O O     . HOH C 2 .  ? 7.349   -2.797  -9.087  1.00 29.37 ? 53 HOH A O     1 
HETATM 470 O O     . HOH C 2 .  ? -2.536  3.874   -13.717 1.00 23.02 ? 54 HOH A O     1 
HETATM 471 O O     . HOH C 2 .  ? 5.056   -4.477  -11.806 1.00 30.91 ? 55 HOH A O     1 
HETATM 472 O O     . HOH C 2 .  ? -0.306  -11.630 2.297   1.00 22.71 ? 56 HOH A O     1 
HETATM 473 O O     . HOH C 2 .  ? -1.440  -14.254 4.668   1.00 19.22 ? 57 HOH A O     1 
HETATM 474 O O     . HOH C 2 .  ? -0.294  -17.187 6.013   1.00 24.97 ? 58 HOH A O     1 
HETATM 475 O O     . HOH C 2 .  ? 2.820   -17.349 7.195   1.00 26.77 ? 59 HOH A O     1 
HETATM 476 O O     . HOH C 2 .  ? -3.181  -10.701 12.659  1.00 29.54 ? 60 HOH A O     1 
HETATM 477 O O     . HOH C 2 .  ? -0.710  2.697   -1.353  1.00 24.98 ? 66 HOH A O     1 
HETATM 478 O O     . HOH C 2 .  ? -0.636  0.112   -1.191  1.00 31.02 ? 67 HOH A O     1 
HETATM 479 O O     . HOH C 2 .  ? -3.848  2.649   -1.821  1.00 29.18 ? 68 HOH A O     1 
HETATM 480 O O     . HOH C 2 .  ? -8.745  3.247   0.805   1.00 38.17 ? 71 HOH A O     1 
HETATM 481 O O     . HOH C 2 .  ? -12.216 4.261   -2.252  1.00 32.87 ? 72 HOH A O     1 
HETATM 482 O O     . HOH C 2 .  ? -10.733 7.846   4.990   1.00 25.48 ? 77 HOH A O     1 
HETATM 483 O O     . HOH C 2 .  ? -1.576  -3.859  -4.356  1.00 35.67 ? 78 HOH A O     1 
HETATM 484 O O     . HOH C 2 .  ? 1.736   -4.010  -12.542 1.00 28.29 ? 80 HOH A O     1 
HETATM 485 O O     . HOH C 2 .  ? 3.111   -8.774  -9.721  1.00 34.97 ? 81 HOH A O     1 
HETATM 486 O O     . HOH C 2 .  ? 8.698   -5.373  -9.176  1.00 35.83 ? 82 HOH A O     1 
HETATM 487 O O     . HOH D 2 .  ? 7.360   -4.237  2.210   1.00 15.93 ? 11 HOH B O     1 
HETATM 488 O O     . HOH D 2 .  ? 5.056   -5.006  6.502   1.00 13.37 ? 12 HOH B O     1 
HETATM 489 O O     . HOH D 2 .  ? 8.329   1.619   -6.721  1.00 22.88 ? 13 HOH B O     1 
HETATM 490 O O     . HOH D 2 .  ? 4.823   10.471  -1.449  1.00 19.48 ? 14 HOH B O     1 
HETATM 491 O O     . HOH D 2 .  ? 9.139   -2.657  -1.114  1.00 16.69 ? 15 HOH B O     1 
HETATM 492 O O     . HOH D 2 .  ? 5.305   5.081   0.900   1.00 20.22 ? 16 HOH B O     1 
HETATM 493 O O     . HOH D 2 .  ? 10.794  -2.815  -3.254  1.00 34.34 ? 17 HOH B O     1 
HETATM 494 O O     . HOH D 2 .  ? -0.950  17.173  -10.499 1.00 21.34 ? 18 HOH B O     1 
HETATM 495 O O     . HOH D 2 .  ? -9.808  1.596   4.332   1.00 29.89 ? 28 HOH B O     1 
HETATM 496 O O     . HOH D 2 .  ? 0.153   1.841   12.298  1.00 29.49 ? 29 HOH B O     1 
HETATM 497 O O     . HOH D 2 .  ? 11.554  1.722   7.644   1.00 31.08 ? 30 HOH B O     1 
HETATM 498 O O     . HOH D 2 .  ? 7.734   10.422  -2.023  1.00 28.28 ? 31 HOH B O     1 
HETATM 499 O O     . HOH D 2 .  ? 8.385   7.069   0.286   1.00 30.48 ? 32 HOH B O     1 
HETATM 500 O O     . HOH D 2 .  ? 5.568   7.805   0.825   1.00 26.13 ? 33 HOH B O     1 
HETATM 501 O O     . HOH D 2 .  ? 2.950   9.719   0.354   1.00 22.46 ? 34 HOH B O     1 
HETATM 502 O O     . HOH D 2 .  ? 4.528   13.405  -4.405  1.00 24.40 ? 35 HOH B O     1 
HETATM 503 O O     . HOH D 2 .  ? 3.794   13.306  -1.690  1.00 20.55 ? 36 HOH B O     1 
HETATM 504 O O     . HOH D 2 .  ? -0.735  3.968   9.759   1.00 37.33 ? 42 HOH B O     1 
HETATM 505 O O     . HOH D 2 .  ? 5.129   15.599  -6.220  1.00 26.46 ? 43 HOH B O     1 
HETATM 506 O O     . HOH D 2 .  ? 8.564   -2.285  -5.434  1.00 41.76 ? 52 HOH B O     1 
HETATM 507 O O     . HOH D 2 .  ? -0.986  -5.483  9.594   1.00 23.45 ? 61 HOH B O     1 
HETATM 508 O O     . HOH D 2 .  ? -5.049  -2.635  2.265   1.00 31.37 ? 62 HOH B O     1 
HETATM 509 O O     . HOH D 2 .  ? -7.069  -1.201  3.020   1.00 31.69 ? 63 HOH B O     1 
HETATM 510 O O     . HOH D 2 .  ? 0.393   0.976   3.377   1.00 21.48 ? 64 HOH B O     1 
HETATM 511 O O     . HOH D 2 .  ? -2.086  -1.235  1.096   1.00 27.82 ? 65 HOH B O     1 
HETATM 512 O O     . HOH D 2 .  ? 7.199   4.725   3.096   1.00 28.21 ? 69 HOH B O     1 
HETATM 513 O O     . HOH D 2 .  ? -9.271  -2.151  -1.116  1.00 24.53 ? 70 HOH B O     1 
HETATM 514 O O     . HOH D 2 .  ? -8.664  -9.794  -1.755  1.00 23.14 ? 73 HOH B O     1 
HETATM 515 O O     . HOH D 2 .  ? -0.529  1.418   6.052   1.00 27.87 ? 74 HOH B O     1 
HETATM 516 O O     . HOH D 2 .  ? 8.806   -0.133  -3.749  1.00 32.49 ? 75 HOH B O     1 
HETATM 517 O O     . HOH D 2 .  ? 13.789  1.217   1.122   1.00 27.77 ? 76 HOH B O     1 
HETATM 518 O O     . HOH D 2 .  ? 0.718   16.035  -12.339 1.00 30.10 ? 79 HOH B O     1 
HETATM 519 O O     . HOH D 2 .  ? -3.758  0.836   12.583  1.00 29.59 ? 83 HOH B O     1 
# 
loop_
_pdbx_poly_seq_scheme.asym_id 
_pdbx_poly_seq_scheme.entity_id 
_pdbx_poly_seq_scheme.seq_id 
_pdbx_poly_seq_scheme.mon_id 
_pdbx_poly_seq_scheme.ndb_seq_num 
_pdbx_poly_seq_scheme.pdb_seq_num 
_pdbx_poly_seq_scheme.auth_seq_num 
_pdbx_poly_seq_scheme.pdb_mon_id 
_pdbx_poly_seq_scheme.auth_mon_id 
_pdbx_poly_seq_scheme.pdb_strand_id 
_pdbx_poly_seq_scheme.pdb_ins_code 
_pdbx_poly_seq_scheme.hetero 
A 1 1  DG  1  1  1  DG  DG  A . n 
A 1 2  EXC 2  2  2  EXC EXC A . n 
A 1 3  DG  3  3  3  DG  DG  A . n 
A 1 4  DT  4  4  4  DT  DT  A . n 
A 1 5  DA  5  5  5  DA  DA  A . n 
A 1 6  OMU 6  6  6  OMU OMU A . n 
A 1 7  DA  7  7  7  DA  DA  A . n 
A 1 8  DC  8  8  8  DC  DC  A . n 
A 1 9  DG  9  9  9  DG  DG  A . n 
A 1 10 DC  10 10 10 DC  DC  A . n 
B 1 1  DG  1  1  1  DG  DG  B . n 
B 1 2  EXC 2  2  2  EXC EXC B . n 
B 1 3  DG  3  3  3  DG  DG  B . n 
B 1 4  DT  4  4  4  DT  DT  B . n 
B 1 5  DA  5  5  5  DA  DA  B . n 
B 1 6  OMU 6  6  6  OMU OMU B . n 
B 1 7  DA  7  7  7  DA  DA  B . n 
B 1 8  DC  8  8  8  DC  DC  B . n 
B 1 9  DG  9  9  9  DG  DG  B . n 
B 1 10 DC  10 10 10 DC  DC  B . n 
# 
loop_
_pdbx_nonpoly_scheme.asym_id 
_pdbx_nonpoly_scheme.entity_id 
_pdbx_nonpoly_scheme.mon_id 
_pdbx_nonpoly_scheme.ndb_seq_num 
_pdbx_nonpoly_scheme.pdb_seq_num 
_pdbx_nonpoly_scheme.auth_seq_num 
_pdbx_nonpoly_scheme.pdb_mon_id 
_pdbx_nonpoly_scheme.auth_mon_id 
_pdbx_nonpoly_scheme.pdb_strand_id 
_pdbx_nonpoly_scheme.pdb_ins_code 
C 2 HOH 1  11 11 HOH HOH A . 
C 2 HOH 2  12 2  HOH HOH A . 
C 2 HOH 3  13 13 HOH HOH A . 
C 2 HOH 4  14 14 HOH HOH A . 
C 2 HOH 5  15 15 HOH HOH A . 
C 2 HOH 6  16 5  HOH HOH A . 
C 2 HOH 7  17 7  HOH HOH A . 
C 2 HOH 8  18 18 HOH HOH A . 
C 2 HOH 9  19 19 HOH HOH A . 
C 2 HOH 10 20 20 HOH HOH A . 
C 2 HOH 11 21 21 HOH HOH A . 
C 2 HOH 12 22 22 HOH HOH A . 
C 2 HOH 13 23 23 HOH HOH A . 
C 2 HOH 14 24 24 HOH HOH A . 
C 2 HOH 15 25 25 HOH HOH A . 
C 2 HOH 16 26 26 HOH HOH A . 
C 2 HOH 17 27 27 HOH HOH A . 
C 2 HOH 18 28 8  HOH HOH A . 
C 2 HOH 19 29 9  HOH HOH A . 
C 2 HOH 20 37 37 HOH HOH A . 
C 2 HOH 21 38 38 HOH HOH A . 
C 2 HOH 22 39 39 HOH HOH A . 
C 2 HOH 23 40 40 HOH HOH A . 
C 2 HOH 24 41 41 HOH HOH A . 
C 2 HOH 25 44 44 HOH HOH A . 
C 2 HOH 26 45 45 HOH HOH A . 
C 2 HOH 27 46 46 HOH HOH A . 
C 2 HOH 28 47 47 HOH HOH A . 
C 2 HOH 29 48 48 HOH HOH A . 
C 2 HOH 30 49 49 HOH HOH A . 
C 2 HOH 31 50 50 HOH HOH A . 
C 2 HOH 32 51 51 HOH HOH A . 
C 2 HOH 33 53 53 HOH HOH A . 
C 2 HOH 34 54 54 HOH HOH A . 
C 2 HOH 35 55 55 HOH HOH A . 
C 2 HOH 36 56 56 HOH HOH A . 
C 2 HOH 37 57 57 HOH HOH A . 
C 2 HOH 38 58 58 HOH HOH A . 
C 2 HOH 39 59 59 HOH HOH A . 
C 2 HOH 40 60 60 HOH HOH A . 
C 2 HOH 41 66 66 HOH HOH A . 
C 2 HOH 42 67 67 HOH HOH A . 
C 2 HOH 43 68 68 HOH HOH A . 
C 2 HOH 44 71 71 HOH HOH A . 
C 2 HOH 45 72 72 HOH HOH A . 
C 2 HOH 46 77 77 HOH HOH A . 
C 2 HOH 47 78 78 HOH HOH A . 
C 2 HOH 48 80 80 HOH HOH A . 
C 2 HOH 49 81 81 HOH HOH A . 
C 2 HOH 50 82 82 HOH HOH A . 
D 2 HOH 1  11 1  HOH HOH B . 
D 2 HOH 2  12 12 HOH HOH B . 
D 2 HOH 3  13 3  HOH HOH B . 
D 2 HOH 4  14 4  HOH HOH B . 
D 2 HOH 5  15 6  HOH HOH B . 
D 2 HOH 6  16 16 HOH HOH B . 
D 2 HOH 7  17 17 HOH HOH B . 
D 2 HOH 8  18 10 HOH HOH B . 
D 2 HOH 9  28 28 HOH HOH B . 
D 2 HOH 10 29 29 HOH HOH B . 
D 2 HOH 11 30 30 HOH HOH B . 
D 2 HOH 12 31 31 HOH HOH B . 
D 2 HOH 13 32 32 HOH HOH B . 
D 2 HOH 14 33 33 HOH HOH B . 
D 2 HOH 15 34 34 HOH HOH B . 
D 2 HOH 16 35 35 HOH HOH B . 
D 2 HOH 17 36 36 HOH HOH B . 
D 2 HOH 18 42 42 HOH HOH B . 
D 2 HOH 19 43 43 HOH HOH B . 
D 2 HOH 20 52 52 HOH HOH B . 
D 2 HOH 21 61 61 HOH HOH B . 
D 2 HOH 22 62 62 HOH HOH B . 
D 2 HOH 23 63 63 HOH HOH B . 
D 2 HOH 24 64 64 HOH HOH B . 
D 2 HOH 25 65 65 HOH HOH B . 
D 2 HOH 26 69 69 HOH HOH B . 
D 2 HOH 27 70 70 HOH HOH B . 
D 2 HOH 28 73 73 HOH HOH B . 
D 2 HOH 29 74 74 HOH HOH B . 
D 2 HOH 30 75 75 HOH HOH B . 
D 2 HOH 31 76 76 HOH HOH B . 
D 2 HOH 32 79 79 HOH HOH B . 
D 2 HOH 33 83 83 HOH HOH B . 
# 
loop_
_pdbx_struct_mod_residue.id 
_pdbx_struct_mod_residue.label_asym_id 
_pdbx_struct_mod_residue.label_comp_id 
_pdbx_struct_mod_residue.label_seq_id 
_pdbx_struct_mod_residue.auth_asym_id 
_pdbx_struct_mod_residue.auth_comp_id 
_pdbx_struct_mod_residue.auth_seq_id 
_pdbx_struct_mod_residue.PDB_ins_code 
_pdbx_struct_mod_residue.parent_comp_id 
_pdbx_struct_mod_residue.details 
1 A EXC 2 A EXC 2 ? DC ?                                    
2 A OMU 6 A OMU 6 ? U  
;O2'-METHYLURIDINE 5'-MONOPHOSPHATE
;
3 B EXC 2 B EXC 2 ? DC ?                                    
4 B OMU 6 B OMU 6 ? U  
;O2'-METHYLURIDINE 5'-MONOPHOSPHATE
;
# 
_pdbx_struct_assembly.id                   1 
_pdbx_struct_assembly.details              author_defined_assembly 
_pdbx_struct_assembly.method_details       ? 
_pdbx_struct_assembly.oligomeric_details   dimeric 
_pdbx_struct_assembly.oligomeric_count     2 
# 
_pdbx_struct_assembly_gen.assembly_id       1 
_pdbx_struct_assembly_gen.oper_expression   1 
_pdbx_struct_assembly_gen.asym_id_list      A,B,C,D 
# 
_pdbx_struct_oper_list.id                   1 
_pdbx_struct_oper_list.type                 'identity operation' 
_pdbx_struct_oper_list.name                 1_555 
_pdbx_struct_oper_list.symmetry_operation   x,y,z 
_pdbx_struct_oper_list.matrix[1][1]         1.0000000000 
_pdbx_struct_oper_list.matrix[1][2]         0.0000000000 
_pdbx_struct_oper_list.matrix[1][3]         0.0000000000 
_pdbx_struct_oper_list.vector[1]            0.0000000000 
_pdbx_struct_oper_list.matrix[2][1]         0.0000000000 
_pdbx_struct_oper_list.matrix[2][2]         1.0000000000 
_pdbx_struct_oper_list.matrix[2][3]         0.0000000000 
_pdbx_struct_oper_list.vector[2]            0.0000000000 
_pdbx_struct_oper_list.matrix[3][1]         0.0000000000 
_pdbx_struct_oper_list.matrix[3][2]         0.0000000000 
_pdbx_struct_oper_list.matrix[3][3]         1.0000000000 
_pdbx_struct_oper_list.vector[3]            0.0000000000 
# 
loop_
_pdbx_audit_revision_history.ordinal 
_pdbx_audit_revision_history.data_content_type 
_pdbx_audit_revision_history.major_revision 
_pdbx_audit_revision_history.minor_revision 
_pdbx_audit_revision_history.revision_date 
1 'Structure model' 1 0 2011-01-19 
2 'Structure model' 1 1 2011-07-13 
3 'Structure model' 1 2 2020-07-22 
4 'Structure model' 1 3 2023-09-06 
# 
_pdbx_audit_revision_details.ordinal             1 
_pdbx_audit_revision_details.revision_ordinal    1 
_pdbx_audit_revision_details.data_content_type   'Structure model' 
_pdbx_audit_revision_details.provider            repository 
_pdbx_audit_revision_details.type                'Initial release' 
_pdbx_audit_revision_details.description         ? 
_pdbx_audit_revision_details.details             ? 
# 
loop_
_pdbx_audit_revision_group.ordinal 
_pdbx_audit_revision_group.revision_ordinal 
_pdbx_audit_revision_group.data_content_type 
_pdbx_audit_revision_group.group 
1 2 'Structure model' 'Version format compliance' 
2 3 'Structure model' 'Derived calculations'      
3 3 'Structure model' 'Structure summary'         
4 4 'Structure model' 'Data collection'           
5 4 'Structure model' 'Database references'       
6 4 'Structure model' 'Refinement description'    
# 
loop_
_pdbx_audit_revision_category.ordinal 
_pdbx_audit_revision_category.revision_ordinal 
_pdbx_audit_revision_category.data_content_type 
_pdbx_audit_revision_category.category 
1 3 'Structure model' chem_comp                     
2 3 'Structure model' pdbx_struct_assembly          
3 3 'Structure model' pdbx_struct_assembly_gen      
4 3 'Structure model' struct_conn                   
5 4 'Structure model' chem_comp_atom                
6 4 'Structure model' chem_comp_bond                
7 4 'Structure model' database_2                    
8 4 'Structure model' pdbx_initial_refinement_model 
# 
loop_
_pdbx_audit_revision_item.ordinal 
_pdbx_audit_revision_item.revision_ordinal 
_pdbx_audit_revision_item.data_content_type 
_pdbx_audit_revision_item.item 
1 3 'Structure model' '_chem_comp.name'                     
2 3 'Structure model' '_struct_conn.pdbx_leaving_atom_flag' 
3 4 'Structure model' '_database_2.pdbx_DOI'                
4 4 'Structure model' '_database_2.pdbx_database_accession' 
# 
loop_
_software.name 
_software.classification 
_software.version 
_software.citation_id 
_software.pdbx_ordinal 
StructureStudio 'data collection' .                            ? 1 
PHASER          phasing           .                            ? 2 
PHENIX          refinement        '(phenix.refine: 1.6.1_357)' ? 3 
XDS             'data reduction'  .                            ? 4 
XSCALE          'data scaling'    .                            ? 5 
# 
loop_
_pdbx_validate_rmsd_angle.id 
_pdbx_validate_rmsd_angle.PDB_model_num 
_pdbx_validate_rmsd_angle.auth_atom_id_1 
_pdbx_validate_rmsd_angle.auth_asym_id_1 
_pdbx_validate_rmsd_angle.auth_comp_id_1 
_pdbx_validate_rmsd_angle.auth_seq_id_1 
_pdbx_validate_rmsd_angle.PDB_ins_code_1 
_pdbx_validate_rmsd_angle.label_alt_id_1 
_pdbx_validate_rmsd_angle.auth_atom_id_2 
_pdbx_validate_rmsd_angle.auth_asym_id_2 
_pdbx_validate_rmsd_angle.auth_comp_id_2 
_pdbx_validate_rmsd_angle.auth_seq_id_2 
_pdbx_validate_rmsd_angle.PDB_ins_code_2 
_pdbx_validate_rmsd_angle.label_alt_id_2 
_pdbx_validate_rmsd_angle.auth_atom_id_3 
_pdbx_validate_rmsd_angle.auth_asym_id_3 
_pdbx_validate_rmsd_angle.auth_comp_id_3 
_pdbx_validate_rmsd_angle.auth_seq_id_3 
_pdbx_validate_rmsd_angle.PDB_ins_code_3 
_pdbx_validate_rmsd_angle.label_alt_id_3 
_pdbx_validate_rmsd_angle.angle_value 
_pdbx_validate_rmsd_angle.angle_target_value 
_pdbx_validate_rmsd_angle.angle_deviation 
_pdbx_validate_rmsd_angle.angle_standard_deviation 
_pdbx_validate_rmsd_angle.linker_flag 
1 1 "C3'" A DG 9 ? ? "C2'" A DG 9 ? ? "C1'" A DG 9 ? ? 97.32  102.40 -5.08 0.80 N 
2 1 "O4'" B DG 3 ? ? "C4'" B DG 3 ? ? "C3'" B DG 3 ? ? 101.34 104.50 -3.16 0.40 N 
3 1 "O4'" B DC 8 ? ? "C1'" B DC 8 ? ? N1    B DC 8 ? ? 110.11 108.30 1.81  0.30 N 
# 
loop_
_chem_comp_atom.comp_id 
_chem_comp_atom.atom_id 
_chem_comp_atom.type_symbol 
_chem_comp_atom.pdbx_aromatic_flag 
_chem_comp_atom.pdbx_stereo_config 
_chem_comp_atom.pdbx_ordinal 
DA  OP3    O N N 1   
DA  P      P N N 2   
DA  OP1    O N N 3   
DA  OP2    O N N 4   
DA  "O5'"  O N N 5   
DA  "C5'"  C N N 6   
DA  "C4'"  C N R 7   
DA  "O4'"  O N N 8   
DA  "C3'"  C N S 9   
DA  "O3'"  O N N 10  
DA  "C2'"  C N N 11  
DA  "C1'"  C N R 12  
DA  N9     N Y N 13  
DA  C8     C Y N 14  
DA  N7     N Y N 15  
DA  C5     C Y N 16  
DA  C6     C Y N 17  
DA  N6     N N N 18  
DA  N1     N Y N 19  
DA  C2     C Y N 20  
DA  N3     N Y N 21  
DA  C4     C Y N 22  
DA  HOP3   H N N 23  
DA  HOP2   H N N 24  
DA  "H5'"  H N N 25  
DA  "H5''" H N N 26  
DA  "H4'"  H N N 27  
DA  "H3'"  H N N 28  
DA  "HO3'" H N N 29  
DA  "H2'"  H N N 30  
DA  "H2''" H N N 31  
DA  "H1'"  H N N 32  
DA  H8     H N N 33  
DA  H61    H N N 34  
DA  H62    H N N 35  
DA  H2     H N N 36  
DC  OP3    O N N 37  
DC  P      P N N 38  
DC  OP1    O N N 39  
DC  OP2    O N N 40  
DC  "O5'"  O N N 41  
DC  "C5'"  C N N 42  
DC  "C4'"  C N R 43  
DC  "O4'"  O N N 44  
DC  "C3'"  C N S 45  
DC  "O3'"  O N N 46  
DC  "C2'"  C N N 47  
DC  "C1'"  C N R 48  
DC  N1     N N N 49  
DC  C2     C N N 50  
DC  O2     O N N 51  
DC  N3     N N N 52  
DC  C4     C N N 53  
DC  N4     N N N 54  
DC  C5     C N N 55  
DC  C6     C N N 56  
DC  HOP3   H N N 57  
DC  HOP2   H N N 58  
DC  "H5'"  H N N 59  
DC  "H5''" H N N 60  
DC  "H4'"  H N N 61  
DC  "H3'"  H N N 62  
DC  "HO3'" H N N 63  
DC  "H2'"  H N N 64  
DC  "H2''" H N N 65  
DC  "H1'"  H N N 66  
DC  H41    H N N 67  
DC  H42    H N N 68  
DC  H5     H N N 69  
DC  H6     H N N 70  
DG  OP3    O N N 71  
DG  P      P N N 72  
DG  OP1    O N N 73  
DG  OP2    O N N 74  
DG  "O5'"  O N N 75  
DG  "C5'"  C N N 76  
DG  "C4'"  C N R 77  
DG  "O4'"  O N N 78  
DG  "C3'"  C N S 79  
DG  "O3'"  O N N 80  
DG  "C2'"  C N N 81  
DG  "C1'"  C N R 82  
DG  N9     N Y N 83  
DG  C8     C Y N 84  
DG  N7     N Y N 85  
DG  C5     C Y N 86  
DG  C6     C N N 87  
DG  O6     O N N 88  
DG  N1     N N N 89  
DG  C2     C N N 90  
DG  N2     N N N 91  
DG  N3     N N N 92  
DG  C4     C Y N 93  
DG  HOP3   H N N 94  
DG  HOP2   H N N 95  
DG  "H5'"  H N N 96  
DG  "H5''" H N N 97  
DG  "H4'"  H N N 98  
DG  "H3'"  H N N 99  
DG  "HO3'" H N N 100 
DG  "H2'"  H N N 101 
DG  "H2''" H N N 102 
DG  "H1'"  H N N 103 
DG  H8     H N N 104 
DG  H1     H N N 105 
DG  H21    H N N 106 
DG  H22    H N N 107 
DT  OP3    O N N 108 
DT  P      P N N 109 
DT  OP1    O N N 110 
DT  OP2    O N N 111 
DT  "O5'"  O N N 112 
DT  "C5'"  C N N 113 
DT  "C4'"  C N R 114 
DT  "O4'"  O N N 115 
DT  "C3'"  C N S 116 
DT  "O3'"  O N N 117 
DT  "C2'"  C N N 118 
DT  "C1'"  C N R 119 
DT  N1     N N N 120 
DT  C2     C N N 121 
DT  O2     O N N 122 
DT  N3     N N N 123 
DT  C4     C N N 124 
DT  O4     O N N 125 
DT  C5     C N N 126 
DT  C7     C N N 127 
DT  C6     C N N 128 
DT  HOP3   H N N 129 
DT  HOP2   H N N 130 
DT  "H5'"  H N N 131 
DT  "H5''" H N N 132 
DT  "H4'"  H N N 133 
DT  "H3'"  H N N 134 
DT  "HO3'" H N N 135 
DT  "H2'"  H N N 136 
DT  "H2''" H N N 137 
DT  "H1'"  H N N 138 
DT  H3     H N N 139 
DT  H71    H N N 140 
DT  H72    H N N 141 
DT  H73    H N N 142 
DT  H6     H N N 143 
EXC P      P N N 144 
EXC C1     C N N 145 
EXC N2     N N N 146 
EXC C3     C N N 147 
EXC N4     N N N 148 
EXC C5     C N N 149 
EXC C6     C N N 150 
EXC N7     N N N 151 
EXC C8     C Y N 152 
EXC C9     C Y N 153 
EXC "C1'"  C N R 154 
EXC O10    O N N 155 
EXC C11    C Y N 156 
EXC C12    C Y N 157 
EXC C13    C Y N 158 
EXC C14    C Y N 159 
EXC C15    C N N 160 
EXC N16    N N N 161 
EXC C17    C N N 162 
EXC O18    O N N 163 
EXC C19    C N N 164 
EXC "C2'"  C N N 165 
EXC C20    C N N 166 
EXC O21    O N N 167 
EXC C22    C N N 168 
EXC C23    C N N 169 
EXC "C3'"  C N S 170 
EXC "O3'"  O N N 171 
EXC "C4'"  C N R 172 
EXC "O4'"  O N N 173 
EXC "C5'"  C N N 174 
EXC "O5'"  O N N 175 
EXC OP1    O N N 176 
EXC OP2    O N N 177 
EXC OP3    O N N 178 
EXC H5     H N N 179 
EXC "H1'"  H N N 180 
EXC H11    H N N 181 
EXC H14    H N N 182 
EXC H19    H N N 183 
EXC H19A   H N N 184 
EXC H19B   H N N 185 
EXC "H2'"  H N N 186 
EXC "H2'A" H N N 187 
EXC H20    H N N 188 
EXC H20A   H N N 189 
EXC H20B   H N N 190 
EXC H22    H N N 191 
EXC H22A   H N N 192 
EXC H22B   H N N 193 
EXC H23    H N N 194 
EXC H23A   H N N 195 
EXC H23B   H N N 196 
EXC "H3'"  H N N 197 
EXC "HO3'" H N N 198 
EXC "H4'"  H N N 199 
EXC "H5'"  H N N 200 
EXC "H5'A" H N N 201 
EXC HOP1   H N N 202 
EXC HOP3   H N N 203 
EXC H26    H N N 204 
HOH O      O N N 205 
HOH H1     H N N 206 
HOH H2     H N N 207 
OMU N1     N N N 208 
OMU C2     C N N 209 
OMU N3     N N N 210 
OMU C4     C N N 211 
OMU C5     C N N 212 
OMU C6     C N N 213 
OMU O2     O N N 214 
OMU O4     O N N 215 
OMU "C1'"  C N R 216 
OMU "C2'"  C N R 217 
OMU "O2'"  O N N 218 
OMU CM2    C N N 219 
OMU "C3'"  C N R 220 
OMU "C4'"  C N R 221 
OMU "O3'"  O N N 222 
OMU "O4'"  O N N 223 
OMU "C5'"  C N N 224 
OMU "O5'"  O N N 225 
OMU P      P N N 226 
OMU OP1    O N N 227 
OMU OP2    O N N 228 
OMU OP3    O N N 229 
OMU HN3    H N N 230 
OMU H5     H N N 231 
OMU H6     H N N 232 
OMU "H1'"  H N N 233 
OMU "H2'"  H N N 234 
OMU HM21   H N N 235 
OMU HM22   H N N 236 
OMU HM23   H N N 237 
OMU "H3'"  H N N 238 
OMU "H4'"  H N N 239 
OMU "HO3'" H N N 240 
OMU "H5'"  H N N 241 
OMU "H5''" H N N 242 
OMU HOP2   H N N 243 
OMU HOP3   H N N 244 
# 
loop_
_chem_comp_bond.comp_id 
_chem_comp_bond.atom_id_1 
_chem_comp_bond.atom_id_2 
_chem_comp_bond.value_order 
_chem_comp_bond.pdbx_aromatic_flag 
_chem_comp_bond.pdbx_stereo_config 
_chem_comp_bond.pdbx_ordinal 
DA  OP3   P      sing N N 1   
DA  OP3   HOP3   sing N N 2   
DA  P     OP1    doub N N 3   
DA  P     OP2    sing N N 4   
DA  P     "O5'"  sing N N 5   
DA  OP2   HOP2   sing N N 6   
DA  "O5'" "C5'"  sing N N 7   
DA  "C5'" "C4'"  sing N N 8   
DA  "C5'" "H5'"  sing N N 9   
DA  "C5'" "H5''" sing N N 10  
DA  "C4'" "O4'"  sing N N 11  
DA  "C4'" "C3'"  sing N N 12  
DA  "C4'" "H4'"  sing N N 13  
DA  "O4'" "C1'"  sing N N 14  
DA  "C3'" "O3'"  sing N N 15  
DA  "C3'" "C2'"  sing N N 16  
DA  "C3'" "H3'"  sing N N 17  
DA  "O3'" "HO3'" sing N N 18  
DA  "C2'" "C1'"  sing N N 19  
DA  "C2'" "H2'"  sing N N 20  
DA  "C2'" "H2''" sing N N 21  
DA  "C1'" N9     sing N N 22  
DA  "C1'" "H1'"  sing N N 23  
DA  N9    C8     sing Y N 24  
DA  N9    C4     sing Y N 25  
DA  C8    N7     doub Y N 26  
DA  C8    H8     sing N N 27  
DA  N7    C5     sing Y N 28  
DA  C5    C6     sing Y N 29  
DA  C5    C4     doub Y N 30  
DA  C6    N6     sing N N 31  
DA  C6    N1     doub Y N 32  
DA  N6    H61    sing N N 33  
DA  N6    H62    sing N N 34  
DA  N1    C2     sing Y N 35  
DA  C2    N3     doub Y N 36  
DA  C2    H2     sing N N 37  
DA  N3    C4     sing Y N 38  
DC  OP3   P      sing N N 39  
DC  OP3   HOP3   sing N N 40  
DC  P     OP1    doub N N 41  
DC  P     OP2    sing N N 42  
DC  P     "O5'"  sing N N 43  
DC  OP2   HOP2   sing N N 44  
DC  "O5'" "C5'"  sing N N 45  
DC  "C5'" "C4'"  sing N N 46  
DC  "C5'" "H5'"  sing N N 47  
DC  "C5'" "H5''" sing N N 48  
DC  "C4'" "O4'"  sing N N 49  
DC  "C4'" "C3'"  sing N N 50  
DC  "C4'" "H4'"  sing N N 51  
DC  "O4'" "C1'"  sing N N 52  
DC  "C3'" "O3'"  sing N N 53  
DC  "C3'" "C2'"  sing N N 54  
DC  "C3'" "H3'"  sing N N 55  
DC  "O3'" "HO3'" sing N N 56  
DC  "C2'" "C1'"  sing N N 57  
DC  "C2'" "H2'"  sing N N 58  
DC  "C2'" "H2''" sing N N 59  
DC  "C1'" N1     sing N N 60  
DC  "C1'" "H1'"  sing N N 61  
DC  N1    C2     sing N N 62  
DC  N1    C6     sing N N 63  
DC  C2    O2     doub N N 64  
DC  C2    N3     sing N N 65  
DC  N3    C4     doub N N 66  
DC  C4    N4     sing N N 67  
DC  C4    C5     sing N N 68  
DC  N4    H41    sing N N 69  
DC  N4    H42    sing N N 70  
DC  C5    C6     doub N N 71  
DC  C5    H5     sing N N 72  
DC  C6    H6     sing N N 73  
DG  OP3   P      sing N N 74  
DG  OP3   HOP3   sing N N 75  
DG  P     OP1    doub N N 76  
DG  P     OP2    sing N N 77  
DG  P     "O5'"  sing N N 78  
DG  OP2   HOP2   sing N N 79  
DG  "O5'" "C5'"  sing N N 80  
DG  "C5'" "C4'"  sing N N 81  
DG  "C5'" "H5'"  sing N N 82  
DG  "C5'" "H5''" sing N N 83  
DG  "C4'" "O4'"  sing N N 84  
DG  "C4'" "C3'"  sing N N 85  
DG  "C4'" "H4'"  sing N N 86  
DG  "O4'" "C1'"  sing N N 87  
DG  "C3'" "O3'"  sing N N 88  
DG  "C3'" "C2'"  sing N N 89  
DG  "C3'" "H3'"  sing N N 90  
DG  "O3'" "HO3'" sing N N 91  
DG  "C2'" "C1'"  sing N N 92  
DG  "C2'" "H2'"  sing N N 93  
DG  "C2'" "H2''" sing N N 94  
DG  "C1'" N9     sing N N 95  
DG  "C1'" "H1'"  sing N N 96  
DG  N9    C8     sing Y N 97  
DG  N9    C4     sing Y N 98  
DG  C8    N7     doub Y N 99  
DG  C8    H8     sing N N 100 
DG  N7    C5     sing Y N 101 
DG  C5    C6     sing N N 102 
DG  C5    C4     doub Y N 103 
DG  C6    O6     doub N N 104 
DG  C6    N1     sing N N 105 
DG  N1    C2     sing N N 106 
DG  N1    H1     sing N N 107 
DG  C2    N2     sing N N 108 
DG  C2    N3     doub N N 109 
DG  N2    H21    sing N N 110 
DG  N2    H22    sing N N 111 
DG  N3    C4     sing N N 112 
DT  OP3   P      sing N N 113 
DT  OP3   HOP3   sing N N 114 
DT  P     OP1    doub N N 115 
DT  P     OP2    sing N N 116 
DT  P     "O5'"  sing N N 117 
DT  OP2   HOP2   sing N N 118 
DT  "O5'" "C5'"  sing N N 119 
DT  "C5'" "C4'"  sing N N 120 
DT  "C5'" "H5'"  sing N N 121 
DT  "C5'" "H5''" sing N N 122 
DT  "C4'" "O4'"  sing N N 123 
DT  "C4'" "C3'"  sing N N 124 
DT  "C4'" "H4'"  sing N N 125 
DT  "O4'" "C1'"  sing N N 126 
DT  "C3'" "O3'"  sing N N 127 
DT  "C3'" "C2'"  sing N N 128 
DT  "C3'" "H3'"  sing N N 129 
DT  "O3'" "HO3'" sing N N 130 
DT  "C2'" "C1'"  sing N N 131 
DT  "C2'" "H2'"  sing N N 132 
DT  "C2'" "H2''" sing N N 133 
DT  "C1'" N1     sing N N 134 
DT  "C1'" "H1'"  sing N N 135 
DT  N1    C2     sing N N 136 
DT  N1    C6     sing N N 137 
DT  C2    O2     doub N N 138 
DT  C2    N3     sing N N 139 
DT  N3    C4     sing N N 140 
DT  N3    H3     sing N N 141 
DT  C4    O4     doub N N 142 
DT  C4    C5     sing N N 143 
DT  C5    C7     sing N N 144 
DT  C5    C6     doub N N 145 
DT  C7    H71    sing N N 146 
DT  C7    H72    sing N N 147 
DT  C7    H73    sing N N 148 
DT  C6    H6     sing N N 149 
EXC P     OP3    sing N N 150 
EXC P     OP1    sing N N 151 
EXC C1    C6     sing N N 152 
EXC N2    C1     doub N N 153 
EXC N2    C3     sing N N 154 
EXC C3    N4     sing N N 155 
EXC N4    "C1'"  sing N N 156 
EXC N4    C5     sing N N 157 
EXC C5    H5     sing N N 158 
EXC C6    C5     doub N N 159 
EXC C6    O10    sing N N 160 
EXC N7    C1     sing N N 161 
EXC N7    C8     sing N N 162 
EXC C8    C9     sing Y N 163 
EXC C9    O10    sing N N 164 
EXC C9    C11    doub Y N 165 
EXC "C1'" "C2'"  sing N N 166 
EXC "C1'" "O4'"  sing N N 167 
EXC "C1'" "H1'"  sing N N 168 
EXC C11   H11    sing N N 169 
EXC C12   C11    sing Y N 170 
EXC C12   C17    sing N N 171 
EXC C13   C12    doub Y N 172 
EXC C14   C8     doub Y N 173 
EXC C14   C13    sing Y N 174 
EXC C14   H14    sing N N 175 
EXC C15   C13    sing N N 176 
EXC C15   N16    sing N N 177 
EXC N16   O21    sing N N 178 
EXC N16   C17    sing N N 179 
EXC C17   C23    sing N N 180 
EXC C17   C22    sing N N 181 
EXC O18   C3     doub N N 182 
EXC C19   C15    sing N N 183 
EXC C19   H19    sing N N 184 
EXC C19   H19A   sing N N 185 
EXC C19   H19B   sing N N 186 
EXC "C2'" "C3'"  sing N N 187 
EXC "C2'" "H2'"  sing N N 188 
EXC "C2'" "H2'A" sing N N 189 
EXC C20   C15    sing N N 190 
EXC C20   H20    sing N N 191 
EXC C20   H20A   sing N N 192 
EXC C20   H20B   sing N N 193 
EXC C22   H22    sing N N 194 
EXC C22   H22A   sing N N 195 
EXC C22   H22B   sing N N 196 
EXC C23   H23    sing N N 197 
EXC C23   H23A   sing N N 198 
EXC C23   H23B   sing N N 199 
EXC "C3'" "O3'"  sing N N 200 
EXC "C3'" "C4'"  sing N N 201 
EXC "C3'" "H3'"  sing N N 202 
EXC "O3'" "HO3'" sing N N 203 
EXC "C4'" "C5'"  sing N N 204 
EXC "C4'" "H4'"  sing N N 205 
EXC "O4'" "C4'"  sing N N 206 
EXC "C5'" "O5'"  sing N N 207 
EXC "C5'" "H5'"  sing N N 208 
EXC "C5'" "H5'A" sing N N 209 
EXC "O5'" P      sing N N 210 
EXC OP1   HOP1   sing N N 211 
EXC OP2   P      doub N N 212 
EXC OP3   HOP3   sing N N 213 
EXC N7    H26    sing N N 214 
HOH O     H1     sing N N 215 
HOH O     H2     sing N N 216 
OMU N1    C2     sing N N 217 
OMU N1    C6     sing N N 218 
OMU N1    "C1'"  sing N N 219 
OMU C2    N3     sing N N 220 
OMU C2    O2     doub N N 221 
OMU N3    C4     sing N N 222 
OMU N3    HN3    sing N N 223 
OMU C4    C5     sing N N 224 
OMU C4    O4     doub N N 225 
OMU C5    C6     doub N N 226 
OMU C5    H5     sing N N 227 
OMU C6    H6     sing N N 228 
OMU "C1'" "C2'"  sing N N 229 
OMU "C1'" "O4'"  sing N N 230 
OMU "C1'" "H1'"  sing N N 231 
OMU "C2'" "O2'"  sing N N 232 
OMU "C2'" "C3'"  sing N N 233 
OMU "C2'" "H2'"  sing N N 234 
OMU "O2'" CM2    sing N N 235 
OMU CM2   HM21   sing N N 236 
OMU CM2   HM22   sing N N 237 
OMU CM2   HM23   sing N N 238 
OMU "C3'" "C4'"  sing N N 239 
OMU "C3'" "O3'"  sing N N 240 
OMU "C3'" "H3'"  sing N N 241 
OMU "C4'" "O4'"  sing N N 242 
OMU "C4'" "C5'"  sing N N 243 
OMU "C4'" "H4'"  sing N N 244 
OMU "O3'" "HO3'" sing N N 245 
OMU "C5'" "O5'"  sing N N 246 
OMU "C5'" "H5'"  sing N N 247 
OMU "C5'" "H5''" sing N N 248 
OMU "O5'" P      sing N N 249 
OMU P     OP1    doub N N 250 
OMU P     OP2    sing N N 251 
OMU P     OP3    sing N N 252 
OMU OP2   HOP2   sing N N 253 
OMU OP3   HOP3   sing N N 254 
# 
loop_
_ndb_struct_conf_na.entry_id 
_ndb_struct_conf_na.feature 
3OT0 'double helix'        
3OT0 'a-form double helix' 
# 
loop_
_ndb_struct_na_base_pair.model_number 
_ndb_struct_na_base_pair.i_label_asym_id 
_ndb_struct_na_base_pair.i_label_comp_id 
_ndb_struct_na_base_pair.i_label_seq_id 
_ndb_struct_na_base_pair.i_symmetry 
_ndb_struct_na_base_pair.j_label_asym_id 
_ndb_struct_na_base_pair.j_label_comp_id 
_ndb_struct_na_base_pair.j_label_seq_id 
_ndb_struct_na_base_pair.j_symmetry 
_ndb_struct_na_base_pair.shear 
_ndb_struct_na_base_pair.stretch 
_ndb_struct_na_base_pair.stagger 
_ndb_struct_na_base_pair.buckle 
_ndb_struct_na_base_pair.propeller 
_ndb_struct_na_base_pair.opening 
_ndb_struct_na_base_pair.pair_number 
_ndb_struct_na_base_pair.pair_name 
_ndb_struct_na_base_pair.i_auth_asym_id 
_ndb_struct_na_base_pair.i_auth_seq_id 
_ndb_struct_na_base_pair.i_PDB_ins_code 
_ndb_struct_na_base_pair.j_auth_asym_id 
_ndb_struct_na_base_pair.j_auth_seq_id 
_ndb_struct_na_base_pair.j_PDB_ins_code 
_ndb_struct_na_base_pair.hbond_type_28 
_ndb_struct_na_base_pair.hbond_type_12 
1 A DG  1  1_555 B DC  10 1_555 -0.306 -0.099 0.117  1.881  -1.359  0.303  1 A_DG1:DC10_B A 1  ? B 10 ? 19 1 
1 A DG  3  1_555 B DC  8  1_555 -0.348 -0.173 0.174  -7.970 -14.815 -0.010 2 A_DG3:DC8_B  A 3  ? B 8  ? 19 1 
1 A DT  4  1_555 B DA  7  1_555 -0.177 -0.125 0.111  -5.594 -18.043 -0.641 3 A_DT4:DA7_B  A 4  ? B 7  ? 20 1 
1 A DA  5  1_555 B OMU 6  1_555 0.160  -0.100 0.189  -1.604 -16.106 -2.892 4 A_DA5:OMU6_B A 5  ? B 6  ? 20 1 
1 A OMU 6  1_555 B DA  5  1_555 0.043  -0.027 0.436  4.057  -13.973 8.548  5 A_OMU6:DA5_B A 6  ? B 5  ? 20 1 
1 A DA  7  1_555 B DT  4  1_555 -0.027 -0.127 0.016  6.640  -9.709  2.927  6 A_DA7:DT4_B  A 7  ? B 4  ? 20 1 
1 A DC  8  1_555 B DG  3  1_555 0.220  -0.148 -0.229 8.754  -11.018 1.952  7 A_DC8:DG3_B  A 8  ? B 3  ? 19 1 
1 A DC  10 1_555 B DG  1  1_555 0.216  -0.146 0.269  -4.483 4.730   -0.113 8 A_DC10:DG1_B A 10 ? B 1  ? 19 1 
# 
loop_
_ndb_struct_na_base_pair_step.model_number 
_ndb_struct_na_base_pair_step.i_label_asym_id_1 
_ndb_struct_na_base_pair_step.i_label_comp_id_1 
_ndb_struct_na_base_pair_step.i_label_seq_id_1 
_ndb_struct_na_base_pair_step.i_symmetry_1 
_ndb_struct_na_base_pair_step.j_label_asym_id_1 
_ndb_struct_na_base_pair_step.j_label_comp_id_1 
_ndb_struct_na_base_pair_step.j_label_seq_id_1 
_ndb_struct_na_base_pair_step.j_symmetry_1 
_ndb_struct_na_base_pair_step.i_label_asym_id_2 
_ndb_struct_na_base_pair_step.i_label_comp_id_2 
_ndb_struct_na_base_pair_step.i_label_seq_id_2 
_ndb_struct_na_base_pair_step.i_symmetry_2 
_ndb_struct_na_base_pair_step.j_label_asym_id_2 
_ndb_struct_na_base_pair_step.j_label_comp_id_2 
_ndb_struct_na_base_pair_step.j_label_seq_id_2 
_ndb_struct_na_base_pair_step.j_symmetry_2 
_ndb_struct_na_base_pair_step.shift 
_ndb_struct_na_base_pair_step.slide 
_ndb_struct_na_base_pair_step.rise 
_ndb_struct_na_base_pair_step.tilt 
_ndb_struct_na_base_pair_step.roll 
_ndb_struct_na_base_pair_step.twist 
_ndb_struct_na_base_pair_step.x_displacement 
_ndb_struct_na_base_pair_step.y_displacement 
_ndb_struct_na_base_pair_step.helical_rise 
_ndb_struct_na_base_pair_step.inclination 
_ndb_struct_na_base_pair_step.tip 
_ndb_struct_na_base_pair_step.helical_twist 
_ndb_struct_na_base_pair_step.step_number 
_ndb_struct_na_base_pair_step.step_name 
_ndb_struct_na_base_pair_step.i_auth_asym_id_1 
_ndb_struct_na_base_pair_step.i_auth_seq_id_1 
_ndb_struct_na_base_pair_step.i_PDB_ins_code_1 
_ndb_struct_na_base_pair_step.j_auth_asym_id_1 
_ndb_struct_na_base_pair_step.j_auth_seq_id_1 
_ndb_struct_na_base_pair_step.j_PDB_ins_code_1 
_ndb_struct_na_base_pair_step.i_auth_asym_id_2 
_ndb_struct_na_base_pair_step.i_auth_seq_id_2 
_ndb_struct_na_base_pair_step.i_PDB_ins_code_2 
_ndb_struct_na_base_pair_step.j_auth_asym_id_2 
_ndb_struct_na_base_pair_step.j_auth_seq_id_2 
_ndb_struct_na_base_pair_step.j_PDB_ins_code_2 
1 A DG  3 1_555 B DC  8 1_555 A DT  4 1_555 B DA  7 1_555 -1.124 -1.578 3.138 -1.886 4.140  36.802 -3.004 1.529  3.001 6.527  
2.974  37.073 1 AA_DG3DT4:DA7DC8_BB   A 3 ? B 8 ? A 4 ? B 7 ? 
1 A DT  4 1_555 B DA  7 1_555 A DA  5 1_555 B OMU 6 1_555 0.543  -1.604 3.118 1.640  15.920 26.149 -5.651 -0.760 1.883 31.691 
-3.264 30.584 2 AA_DT4DA5:OMU6DA7_BB  A 4 ? B 7 ? A 5 ? B 6 ? 
1 A DA  5 1_555 B OMU 6 1_555 A OMU 6 1_555 B DA  5 1_555 0.918  -1.302 3.057 -0.096 8.231  32.959 -3.401 -1.586 2.662 14.234 
0.165  33.943 3 AA_DA5OMU6:DA5OMU6_BB A 5 ? B 6 ? A 6 ? B 5 ? 
1 A OMU 6 1_555 B DA  5 1_555 A DA  7 1_555 B DT  4 1_555 -0.344 -1.433 3.019 1.813  13.051 28.469 -4.699 0.922  2.146 24.920 
-3.462 31.313 4 AA_OMU6DA7:DT4DA5_BB  A 6 ? B 5 ? A 7 ? B 4 ? 
1 A DA  7 1_555 B DT  4 1_555 A DC  8 1_555 B DG  3 1_555 0.144  -1.780 3.358 1.208  3.478  31.031 -3.962 -0.039 3.148 6.473  
-2.248 31.244 5 AA_DA7DC8:DG3DT4_BB   A 7 ? B 4 ? A 8 ? B 3 ? 
# 
_pdbx_entity_nonpoly.entity_id   2 
_pdbx_entity_nonpoly.name        water 
_pdbx_entity_nonpoly.comp_id     HOH 
# 
_pdbx_initial_refinement_model.id               1 
_pdbx_initial_refinement_model.entity_id_list   ? 
_pdbx_initial_refinement_model.type             'experimental model' 
_pdbx_initial_refinement_model.source_name      PDB 
_pdbx_initial_refinement_model.accession_code   1KGK 
_pdbx_initial_refinement_model.details          'PDB ENTRY 1KGK' 
# 
